data_6SIW
#
_entry.id   6SIW
#
_cell.length_a   107.131
_cell.length_b   138.094
_cell.length_c   130.426
_cell.angle_alpha   90.000
_cell.angle_beta   90.000
_cell.angle_gamma   90.000
#
_symmetry.space_group_name_H-M   'C 2 2 21'
#
loop_
_entity.id
_entity.type
_entity.pdbx_description
1 polymer 'PaaK-like ligase (AMP-dependent synthetase and ligase)'
2 polymer 'PaaK-like ligase (AMP-dependent synthetase and ligase)'
3 non-polymer 'ADENOSINE MONOPHOSPHATE'
4 non-polymer 'MAGNESIUM ION'
5 non-polymer 'ZINC ION'
6 non-polymer DI(HYDROXYETHYL)ETHER
7 non-polymer 1,2-ETHANEDIOL
8 non-polymer 2-(2-(2-(2-(2-(2-ETHOXYETHOXY)ETHOXY)ETHOXY)ETHOXY)ETHOXY)ETHANOL
9 water water
#
loop_
_entity_poly.entity_id
_entity_poly.type
_entity_poly.pdbx_seq_one_letter_code
_entity_poly.pdbx_strand_id
1 'polypeptide(L)'
;MSRSRPELGDWSSPAELAELQRSQLPRVLAQALRSPFYAARYRGTTPPRTADDFAGVEVTAKQDLRDQYPFGMLAVGREH
LATYHESSGTAGEPTASYYTEEDWTDLAERFARKWTGIHPSDTFLVRTPYGLVITGHLAQAAGRLRGATVVPGDARSLAT
PLSRMVRVLKTLDVTLTWCNPTEITMLAAAAKAAGLRPDQDFPHLRAMFTAAEPLTEVRRRRLSEIWGGIPVVEEYGSTE
TGTIAGQCPEGRMHLWADRAIFEVYDPRTGTLSEAGRGQMVVTPLYRDAMPLLRYNLADDVEVSTDPCGCGWLLPTVTVL
GRAGTGHRIGPATVTQQRLEELVFSLPAAYEVMFWRAKAHPDVLELEFEAPEPVRQRAVKELGAALDRELGVPHRITGLA
PGTLVPAEALTAQRDILKARYLFAEDEDWDKAVMYF
;
A
2 'polypeptide(L)'
;AMSRSRPELGDWSSPAELAELQRSQLPRVLAQALRSPFYAARYRGTTPPRTADDFAGVEVTAKQDLRDQYPFGMLAVGRE
HLATYHESSGTAGEPTASYYTEEDWTDLAERFARKWTGIHPSDTFLVRTPYGLVITGHLAQAAGRLRGATVVPGDARSLA
TPLSRMVRVLKTLDVTLTWCNPTEITMLAAAAKAAGLRPDQDFPHLRAMFTAAEPLTEVRRRRLSEIWGGIPVVEEYGST
ETGTIAGQCPEGRMHLWADRAIFEVYDPRTGTLSEAGRGQMVVTPLYRDAMPLLRYNLADDVEVSTDPCGCGWLLPTVTV
LGRAGTGHRIGPATVTQQRLEELVFSLPAAYEVMFWRAKAHPDVLELEFEAPEPVRQRAVKELGAALDRELGVPHRITGL
APGTLVPAEALTAQRDILKARYLFAEDEDWDKAVMYF
;
B
#
# COMPACT_ATOMS: atom_id res chain seq x y z
N ARG A 5 17.91 -22.73 3.67
CA ARG A 5 17.12 -22.93 2.39
C ARG A 5 18.07 -22.94 1.20
N PRO A 6 17.82 -23.78 0.18
CA PRO A 6 18.73 -23.90 -0.97
C PRO A 6 18.68 -22.67 -1.89
N GLU A 7 19.75 -22.47 -2.66
CA GLU A 7 19.88 -21.44 -3.71
C GLU A 7 20.34 -22.11 -5.00
N LEU A 8 20.16 -21.47 -6.15
CA LEU A 8 20.65 -21.99 -7.45
C LEU A 8 22.11 -22.35 -7.27
N GLY A 9 22.53 -23.52 -7.76
CA GLY A 9 23.92 -24.02 -7.65
C GLY A 9 24.07 -25.08 -6.58
N ASP A 10 23.08 -25.29 -5.71
CA ASP A 10 23.17 -26.26 -4.59
C ASP A 10 22.86 -27.68 -5.07
N TRP A 11 22.38 -27.85 -6.30
CA TRP A 11 22.15 -29.19 -6.94
C TRP A 11 22.76 -29.18 -8.34
N SER A 12 23.31 -30.32 -8.77
CA SER A 12 24.08 -30.46 -10.02
C SER A 12 23.32 -31.32 -11.04
N SER A 13 22.14 -31.86 -10.66
CA SER A 13 21.33 -32.79 -11.50
C SER A 13 19.87 -32.80 -11.03
N PRO A 14 18.92 -33.25 -11.88
CA PRO A 14 17.52 -33.43 -11.47
C PRO A 14 17.31 -34.42 -10.31
N ALA A 15 18.18 -35.42 -10.14
CA ALA A 15 18.09 -36.41 -9.04
C ALA A 15 18.47 -35.74 -7.72
N GLU A 16 19.50 -34.88 -7.74
CA GLU A 16 19.91 -34.09 -6.54
C GLU A 16 18.76 -33.14 -6.14
N LEU A 17 18.14 -32.48 -7.12
CA LEU A 17 16.99 -31.56 -6.88
C LEU A 17 15.89 -32.35 -6.18
N ALA A 18 15.53 -33.53 -6.71
CA ALA A 18 14.46 -34.39 -6.16
C ALA A 18 14.78 -34.81 -4.71
N GLU A 19 16.05 -35.05 -4.38
CA GLU A 19 16.49 -35.36 -3.00
C GLU A 19 16.38 -34.11 -2.12
N LEU A 20 16.72 -32.92 -2.62
CA LEU A 20 16.52 -31.67 -1.84
C LEU A 20 15.03 -31.56 -1.49
N GLN A 21 14.14 -31.92 -2.43
CA GLN A 21 12.67 -31.83 -2.25
C GLN A 21 12.22 -32.92 -1.27
N ARG A 22 12.57 -34.18 -1.54
CA ARG A 22 12.10 -35.36 -0.76
C ARG A 22 12.48 -35.18 0.72
N SER A 23 13.65 -34.63 1.03
CA SER A 23 14.20 -34.50 2.41
C SER A 23 13.35 -33.53 3.26
N GLN A 24 12.61 -32.61 2.62
CA GLN A 24 11.78 -31.62 3.35
C GLN A 24 10.38 -32.18 3.61
N LEU A 25 9.97 -33.25 2.94
CA LEU A 25 8.55 -33.69 2.93
C LEU A 25 8.09 -34.17 4.31
N PRO A 26 8.91 -34.88 5.12
CA PRO A 26 8.50 -35.26 6.47
C PRO A 26 8.15 -34.05 7.35
N ARG A 27 8.97 -33.01 7.36
CA ARG A 27 8.67 -31.79 8.14
C ARG A 27 7.37 -31.15 7.60
N VAL A 28 7.20 -31.12 6.28
CA VAL A 28 6.07 -30.43 5.60
C VAL A 28 4.77 -31.16 5.93
N LEU A 29 4.76 -32.49 5.76
CA LEU A 29 3.57 -33.33 6.04
C LEU A 29 3.20 -33.21 7.52
N ALA A 30 4.18 -33.21 8.42
CA ALA A 30 3.98 -33.03 9.88
C ALA A 30 3.35 -31.65 10.15
N GLN A 31 3.85 -30.60 9.49
CA GLN A 31 3.35 -29.22 9.73
C GLN A 31 1.90 -29.10 9.20
N ALA A 32 1.62 -29.64 8.00
CA ALA A 32 0.27 -29.65 7.38
C ALA A 32 -0.75 -30.25 8.36
N LEU A 33 -0.40 -31.35 9.02
CA LEU A 33 -1.35 -32.10 9.91
C LEU A 33 -1.70 -31.28 11.14
N ARG A 34 -0.99 -30.18 11.44
CA ARG A 34 -1.31 -29.29 12.58
C ARG A 34 -2.55 -28.43 12.25
N SER A 35 -2.87 -28.23 10.97
CA SER A 35 -4.00 -27.36 10.55
C SER A 35 -5.32 -28.10 10.70
N PRO A 36 -6.43 -27.40 11.06
CA PRO A 36 -7.75 -28.03 11.10
C PRO A 36 -8.16 -28.70 9.78
N PHE A 37 -7.74 -28.16 8.63
CA PHE A 37 -8.13 -28.70 7.31
C PHE A 37 -7.54 -30.10 7.14
N TYR A 38 -6.22 -30.26 7.33
CA TYR A 38 -5.55 -31.55 7.08
C TYR A 38 -5.80 -32.53 8.25
N ALA A 39 -5.87 -32.06 9.50
CA ALA A 39 -6.23 -32.88 10.68
C ALA A 39 -7.60 -33.54 10.43
N ALA A 40 -8.59 -32.78 9.94
CA ALA A 40 -9.95 -33.27 9.58
C ALA A 40 -9.86 -34.22 8.39
N ARG A 41 -9.16 -33.83 7.32
CA ARG A 41 -8.94 -34.67 6.11
C ARG A 41 -8.41 -36.06 6.50
N TYR A 42 -7.43 -36.16 7.41
CA TYR A 42 -6.75 -37.44 7.76
C TYR A 42 -7.24 -37.98 9.11
N ARG A 43 -8.39 -37.51 9.58
CA ARG A 43 -9.07 -37.97 10.82
C ARG A 43 -9.36 -39.47 10.71
N GLY A 44 -9.14 -40.23 11.80
CA GLY A 44 -9.38 -41.68 11.86
C GLY A 44 -8.22 -42.47 11.26
N THR A 45 -7.83 -42.16 10.02
CA THR A 45 -6.73 -42.79 9.24
C THR A 45 -5.37 -42.40 9.85
N THR A 46 -4.29 -43.08 9.45
CA THR A 46 -2.89 -42.67 9.72
C THR A 46 -2.44 -41.70 8.62
N PRO A 47 -1.95 -40.50 8.97
CA PRO A 47 -1.62 -39.48 7.98
C PRO A 47 -0.37 -39.82 7.18
N PRO A 48 -0.17 -39.20 5.99
CA PRO A 48 1.09 -39.37 5.26
C PRO A 48 2.23 -38.68 6.05
N ARG A 49 3.35 -39.39 6.25
CA ARG A 49 4.50 -38.93 7.09
C ARG A 49 5.81 -38.91 6.30
N THR A 50 5.93 -39.71 5.24
CA THR A 50 7.19 -39.91 4.48
C THR A 50 7.05 -39.37 3.06
N ALA A 51 8.19 -39.09 2.40
CA ALA A 51 8.32 -38.73 0.97
C ALA A 51 7.49 -39.70 0.10
N ASP A 52 7.55 -41.00 0.38
CA ASP A 52 6.85 -42.05 -0.40
C ASP A 52 5.34 -41.83 -0.30
N ASP A 53 4.82 -41.52 0.90
CA ASP A 53 3.37 -41.33 1.17
C ASP A 53 2.81 -40.13 0.39
N PHE A 54 3.67 -39.17 0.01
CA PHE A 54 3.29 -37.95 -0.74
C PHE A 54 2.58 -38.33 -2.06
N ALA A 55 3.01 -39.40 -2.74
CA ALA A 55 2.42 -39.91 -4.00
C ALA A 55 0.89 -40.17 -3.87
N GLY A 56 0.43 -40.40 -2.62
CA GLY A 56 -0.98 -40.67 -2.29
C GLY A 56 -1.76 -39.44 -1.81
N VAL A 57 -1.10 -38.29 -1.68
CA VAL A 57 -1.72 -37.04 -1.09
C VAL A 57 -2.68 -36.33 -2.10
N GLU A 58 -3.94 -36.21 -1.62
CA GLU A 58 -5.07 -35.64 -2.39
C GLU A 58 -4.79 -34.15 -2.67
N VAL A 59 -5.15 -33.69 -3.87
CA VAL A 59 -5.11 -32.26 -4.26
C VAL A 59 -5.92 -31.43 -3.26
N THR A 60 -5.43 -30.23 -2.97
CA THR A 60 -6.15 -29.14 -2.25
C THR A 60 -6.65 -28.14 -3.30
N ALA A 61 -7.96 -27.88 -3.33
CA ALA A 61 -8.60 -27.03 -4.35
C ALA A 61 -8.69 -25.60 -3.80
N LYS A 62 -8.72 -24.62 -4.71
CA LYS A 62 -9.09 -23.22 -4.39
C LYS A 62 -10.32 -23.20 -3.50
N GLN A 63 -11.34 -24.01 -3.84
CA GLN A 63 -12.63 -24.05 -3.12
C GLN A 63 -12.37 -24.45 -1.66
N ASP A 64 -11.36 -25.27 -1.40
CA ASP A 64 -11.01 -25.72 -0.02
C ASP A 64 -10.55 -24.50 0.79
N LEU A 65 -9.63 -23.70 0.24
CA LEU A 65 -9.10 -22.48 0.90
C LEU A 65 -10.27 -21.52 1.20
N ARG A 66 -11.22 -21.39 0.27
CA ARG A 66 -12.40 -20.50 0.42
C ARG A 66 -13.30 -21.03 1.53
N ASP A 67 -13.58 -22.34 1.53
CA ASP A 67 -14.42 -23.02 2.56
C ASP A 67 -13.77 -22.87 3.94
N GLN A 68 -12.44 -22.78 4.02
CA GLN A 68 -11.72 -22.79 5.31
C GLN A 68 -11.54 -21.35 5.82
N TYR A 69 -12.14 -20.36 5.15
CA TYR A 69 -12.01 -18.94 5.54
C TYR A 69 -12.48 -18.73 6.98
N PRO A 70 -11.77 -17.99 7.87
CA PRO A 70 -10.45 -17.40 7.58
C PRO A 70 -9.20 -18.23 7.92
N PHE A 71 -9.22 -19.04 8.99
CA PHE A 71 -8.00 -19.63 9.58
C PHE A 71 -8.07 -21.16 9.67
N GLY A 72 -8.79 -21.80 8.73
CA GLY A 72 -8.96 -23.26 8.69
C GLY A 72 -7.70 -23.97 8.22
N MET A 73 -6.80 -23.25 7.53
CA MET A 73 -5.52 -23.79 7.01
C MET A 73 -4.36 -23.46 7.97
N LEU A 74 -4.65 -22.87 9.14
CA LEU A 74 -3.63 -22.29 10.06
C LEU A 74 -2.97 -23.38 10.92
N ALA A 75 -1.64 -23.51 10.85
CA ALA A 75 -0.88 -24.61 11.49
C ALA A 75 -0.11 -24.12 12.72
N VAL A 76 -0.02 -22.80 12.93
CA VAL A 76 0.69 -22.19 14.09
C VAL A 76 -0.29 -21.32 14.87
N GLY A 77 0.06 -20.98 16.12
CA GLY A 77 -0.67 -19.97 16.89
C GLY A 77 -0.64 -18.63 16.17
N ARG A 78 -1.72 -17.87 16.29
CA ARG A 78 -1.88 -16.55 15.62
C ARG A 78 -0.78 -15.60 16.08
N GLU A 79 -0.27 -15.77 17.30
CA GLU A 79 0.82 -14.93 17.86
C GLU A 79 2.05 -14.98 16.95
N HIS A 80 2.27 -16.09 16.24
CA HIS A 80 3.45 -16.31 15.33
C HIS A 80 3.24 -15.72 13.93
N LEU A 81 2.03 -15.31 13.53
CA LEU A 81 1.81 -14.69 12.20
C LEU A 81 2.43 -13.29 12.20
N ALA A 82 3.07 -12.94 11.08
CA ALA A 82 3.58 -11.59 10.76
C ALA A 82 2.52 -10.81 9.98
N THR A 83 2.02 -11.34 8.85
CA THR A 83 1.02 -10.64 8.00
C THR A 83 -0.10 -11.59 7.56
N TYR A 84 -1.26 -11.02 7.25
CA TYR A 84 -2.46 -11.70 6.72
C TYR A 84 -2.79 -11.07 5.37
N HIS A 85 -3.21 -11.88 4.40
CA HIS A 85 -3.50 -11.44 3.02
C HIS A 85 -4.77 -12.09 2.49
N GLU A 86 -5.41 -11.46 1.51
CA GLU A 86 -6.48 -12.06 0.70
C GLU A 86 -6.12 -11.92 -0.78
N SER A 87 -6.51 -12.91 -1.58
CA SER A 87 -6.10 -13.01 -3.00
C SER A 87 -6.93 -12.01 -3.82
N SER A 88 -6.43 -11.65 -5.00
CA SER A 88 -7.21 -10.93 -6.03
C SER A 88 -8.37 -11.83 -6.51
N GLY A 89 -9.22 -11.33 -7.39
CA GLY A 89 -10.43 -12.06 -7.85
C GLY A 89 -11.65 -11.73 -7.01
N THR A 90 -12.63 -12.63 -6.97
CA THR A 90 -13.98 -12.38 -6.40
C THR A 90 -13.83 -11.95 -4.93
N ALA A 91 -14.46 -10.81 -4.58
CA ALA A 91 -14.55 -10.27 -3.21
C ALA A 91 -15.55 -11.10 -2.39
N GLY A 92 -16.54 -11.72 -3.06
CA GLY A 92 -17.64 -12.45 -2.39
C GLY A 92 -17.16 -13.71 -1.68
N GLU A 93 -16.10 -14.34 -2.21
CA GLU A 93 -15.51 -15.60 -1.67
C GLU A 93 -14.02 -15.37 -1.46
N PRO A 94 -13.63 -14.73 -0.33
CA PRO A 94 -12.21 -14.45 -0.06
C PRO A 94 -11.36 -15.71 0.15
N THR A 95 -10.13 -15.65 -0.38
CA THR A 95 -9.06 -16.64 -0.14
C THR A 95 -8.04 -16.01 0.82
N ALA A 96 -8.04 -16.43 2.08
CA ALA A 96 -7.10 -15.95 3.11
C ALA A 96 -5.74 -16.65 2.93
N SER A 97 -4.65 -15.92 3.16
CA SER A 97 -3.31 -16.52 3.36
C SER A 97 -2.56 -15.68 4.38
N TYR A 98 -1.53 -16.25 4.99
CA TYR A 98 -0.85 -15.64 6.17
C TYR A 98 0.49 -16.34 6.37
N TYR A 99 1.42 -15.62 6.98
CA TYR A 99 2.87 -15.90 6.93
C TYR A 99 3.55 -15.47 8.24
N THR A 100 4.42 -16.32 8.76
CA THR A 100 5.37 -15.97 9.85
C THR A 100 6.50 -15.11 9.26
N GLU A 101 7.35 -14.53 10.11
CA GLU A 101 8.58 -13.81 9.69
C GLU A 101 9.45 -14.74 8.85
N GLU A 102 9.60 -16.00 9.28
CA GLU A 102 10.46 -17.00 8.61
C GLU A 102 9.84 -17.37 7.26
N ASP A 103 8.50 -17.52 7.19
CA ASP A 103 7.80 -17.71 5.89
C ASP A 103 8.18 -16.54 4.97
N TRP A 104 8.23 -15.33 5.52
CA TRP A 104 8.52 -14.10 4.73
C TRP A 104 9.93 -14.11 4.16
N THR A 105 10.91 -14.67 4.84
CA THR A 105 12.29 -14.77 4.31
C THR A 105 12.28 -15.65 3.05
N ASP A 106 11.59 -16.79 3.05
CA ASP A 106 11.47 -17.65 1.84
C ASP A 106 10.81 -16.83 0.73
N LEU A 107 9.68 -16.14 0.99
CA LEU A 107 8.93 -15.35 -0.02
C LEU A 107 9.88 -14.31 -0.64
N ALA A 108 10.56 -13.54 0.19
CA ALA A 108 11.45 -12.44 -0.25
C ALA A 108 12.58 -12.99 -1.11
N GLU A 109 13.18 -14.11 -0.71
CA GLU A 109 14.31 -14.75 -1.43
C GLU A 109 13.83 -15.15 -2.83
N ARG A 110 12.64 -15.76 -2.92
CA ARG A 110 12.08 -16.22 -4.22
C ARG A 110 11.84 -15.03 -5.15
N PHE A 111 11.22 -13.95 -4.66
CA PHE A 111 10.97 -12.77 -5.49
C PHE A 111 12.32 -12.21 -5.96
N ALA A 112 13.31 -12.16 -5.07
CA ALA A 112 14.64 -11.56 -5.30
C ALA A 112 15.46 -12.37 -6.30
N ARG A 113 15.00 -13.56 -6.75
CA ARG A 113 15.67 -14.31 -7.86
C ARG A 113 15.36 -13.64 -9.20
N LYS A 114 15.89 -12.45 -9.38
CA LYS A 114 15.78 -11.66 -10.63
C LYS A 114 17.14 -11.75 -11.30
N TRP A 115 17.23 -12.32 -12.51
CA TRP A 115 18.52 -12.55 -13.20
C TRP A 115 19.28 -11.25 -13.43
N THR A 116 18.59 -10.11 -13.42
CA THR A 116 19.20 -8.76 -13.55
C THR A 116 19.81 -8.32 -12.23
N GLY A 117 19.49 -9.00 -11.12
CA GLY A 117 19.88 -8.60 -9.76
C GLY A 117 18.99 -7.50 -9.21
N ILE A 118 18.94 -7.43 -7.88
CA ILE A 118 18.46 -6.25 -7.09
C ILE A 118 19.62 -5.88 -6.16
N HIS A 119 20.11 -4.65 -6.27
N HIS A 119 20.11 -4.65 -6.25
CA HIS A 119 21.35 -4.16 -5.62
CA HIS A 119 21.37 -4.14 -5.64
C HIS A 119 21.03 -2.92 -4.78
C HIS A 119 21.04 -2.92 -4.79
N PRO A 120 21.80 -2.65 -3.70
CA PRO A 120 21.61 -1.43 -2.91
C PRO A 120 21.63 -0.11 -3.70
N SER A 121 22.29 -0.08 -4.85
CA SER A 121 22.37 1.11 -5.74
C SER A 121 21.08 1.27 -6.53
N ASP A 122 20.18 0.29 -6.52
CA ASP A 122 18.90 0.39 -7.26
C ASP A 122 17.91 1.28 -6.48
N THR A 123 17.14 2.07 -7.23
CA THR A 123 15.90 2.74 -6.77
C THR A 123 14.74 1.97 -7.42
N PHE A 124 13.93 1.32 -6.58
CA PHE A 124 12.95 0.29 -6.98
C PHE A 124 11.54 0.87 -6.77
N LEU A 125 10.83 1.17 -7.86
CA LEU A 125 9.41 1.64 -7.80
C LEU A 125 8.48 0.44 -7.73
N VAL A 126 7.80 0.27 -6.60
CA VAL A 126 6.80 -0.81 -6.41
C VAL A 126 5.43 -0.25 -6.79
N ARG A 127 4.91 -0.61 -7.96
CA ARG A 127 3.66 -0.08 -8.54
C ARG A 127 2.66 -1.23 -8.68
N THR A 128 2.41 -1.92 -7.57
CA THR A 128 1.34 -2.94 -7.43
C THR A 128 0.62 -2.68 -6.12
N PRO A 129 -0.59 -3.24 -5.91
CA PRO A 129 -1.36 -2.92 -4.71
C PRO A 129 -0.73 -3.42 -3.39
N TYR A 130 -0.95 -2.65 -2.32
CA TYR A 130 -0.67 -3.04 -0.92
C TYR A 130 -1.96 -3.38 -0.17
N GLY A 131 -3.13 -3.22 -0.81
CA GLY A 131 -4.43 -3.46 -0.16
C GLY A 131 -4.80 -4.94 -0.16
N LEU A 132 -4.56 -5.61 0.98
CA LEU A 132 -4.81 -7.04 1.31
C LEU A 132 -3.94 -8.00 0.48
N VAL A 133 -3.79 -7.77 -0.81
CA VAL A 133 -2.94 -8.63 -1.69
C VAL A 133 -1.49 -8.54 -1.23
N ILE A 134 -0.68 -9.54 -1.57
CA ILE A 134 0.73 -9.65 -1.10
C ILE A 134 1.65 -8.86 -2.03
N THR A 135 1.25 -8.59 -3.27
CA THR A 135 2.19 -8.21 -4.35
C THR A 135 3.07 -7.02 -3.96
N GLY A 136 2.50 -5.90 -3.49
CA GLY A 136 3.28 -4.71 -3.09
C GLY A 136 4.23 -5.02 -1.93
N HIS A 137 3.75 -5.77 -0.94
CA HIS A 137 4.51 -6.16 0.27
C HIS A 137 5.65 -7.09 -0.16
N LEU A 138 5.38 -8.00 -1.09
CA LEU A 138 6.38 -8.98 -1.55
C LEU A 138 7.56 -8.22 -2.18
N ALA A 139 7.30 -7.30 -3.10
CA ALA A 139 8.36 -6.55 -3.83
C ALA A 139 9.15 -5.70 -2.82
N GLN A 140 8.44 -5.08 -1.88
CA GLN A 140 9.08 -4.19 -0.89
C GLN A 140 10.00 -5.03 0.00
N ALA A 141 9.59 -6.23 0.38
CA ALA A 141 10.37 -7.11 1.27
C ALA A 141 11.62 -7.61 0.54
N ALA A 142 11.51 -7.98 -0.73
CA ALA A 142 12.66 -8.35 -1.57
C ALA A 142 13.61 -7.16 -1.70
N GLY A 143 13.05 -5.96 -1.90
CA GLY A 143 13.83 -4.71 -1.98
C GLY A 143 14.64 -4.48 -0.72
N ARG A 144 14.02 -4.65 0.43
CA ARG A 144 14.63 -4.53 1.78
C ARG A 144 15.69 -5.63 1.93
N LEU A 145 15.36 -6.88 1.60
CA LEU A 145 16.32 -8.02 1.69
C LEU A 145 17.63 -7.62 0.98
N ARG A 146 17.55 -6.99 -0.19
CA ARG A 146 18.74 -6.74 -1.05
C ARG A 146 19.28 -5.31 -0.89
N GLY A 147 18.63 -4.44 -0.09
CA GLY A 147 19.11 -3.08 0.23
C GLY A 147 18.73 -2.04 -0.81
N ALA A 148 17.88 -2.37 -1.79
CA ALA A 148 17.42 -1.38 -2.81
C ALA A 148 16.60 -0.29 -2.11
N THR A 149 16.71 0.96 -2.54
CA THR A 149 15.79 2.06 -2.12
C THR A 149 14.39 1.76 -2.67
N VAL A 150 13.43 1.49 -1.80
CA VAL A 150 12.03 1.17 -2.24
C VAL A 150 11.21 2.46 -2.24
N VAL A 151 10.62 2.76 -3.39
CA VAL A 151 9.61 3.85 -3.59
C VAL A 151 8.26 3.15 -3.63
N PRO A 152 7.43 3.20 -2.57
CA PRO A 152 6.16 2.50 -2.57
C PRO A 152 5.11 3.29 -3.39
N GLY A 153 5.02 3.00 -4.68
CA GLY A 153 4.02 3.55 -5.60
C GLY A 153 2.59 3.13 -5.25
N ASP A 154 2.41 1.89 -4.77
CA ASP A 154 1.07 1.28 -4.60
C ASP A 154 0.43 1.32 -6.00
N ALA A 155 -0.77 0.79 -6.16
CA ALA A 155 -1.54 0.78 -7.41
C ALA A 155 -3.01 0.70 -7.00
N ARG A 156 -3.92 1.21 -7.85
CA ARG A 156 -5.38 1.23 -7.59
C ARG A 156 -5.70 2.18 -6.42
N SER A 157 -4.80 3.12 -6.14
CA SER A 157 -4.85 4.07 -5.01
C SER A 157 -4.99 5.49 -5.58
N LEU A 158 -5.87 6.27 -4.98
CA LEU A 158 -6.05 7.71 -5.32
C LEU A 158 -4.79 8.51 -5.02
N ALA A 159 -3.92 8.05 -4.12
CA ALA A 159 -2.70 8.79 -3.71
C ALA A 159 -1.69 8.86 -4.86
N THR A 160 -1.67 7.87 -5.76
CA THR A 160 -0.54 7.71 -6.72
C THR A 160 -1.06 7.46 -8.13
N PRO A 161 -1.64 8.49 -8.77
CA PRO A 161 -1.97 8.40 -10.19
C PRO A 161 -0.69 8.34 -11.04
N LEU A 162 -0.88 7.92 -12.28
CA LEU A 162 0.19 7.65 -13.28
C LEU A 162 1.08 8.88 -13.47
N SER A 163 0.50 10.09 -13.53
CA SER A 163 1.25 11.36 -13.73
C SER A 163 2.32 11.41 -12.64
N ARG A 164 1.95 11.04 -11.42
CA ARG A 164 2.89 11.19 -10.29
C ARG A 164 3.95 10.08 -10.37
N MET A 165 3.59 8.89 -10.82
CA MET A 165 4.56 7.77 -10.97
C MET A 165 5.57 8.12 -12.08
N VAL A 166 5.13 8.74 -13.18
CA VAL A 166 6.03 9.14 -14.29
C VAL A 166 7.05 10.17 -13.77
N ARG A 167 6.58 11.17 -13.01
CA ARG A 167 7.42 12.22 -12.40
C ARG A 167 8.49 11.54 -11.53
N VAL A 168 8.10 10.57 -10.71
CA VAL A 168 8.99 9.84 -9.76
C VAL A 168 10.01 9.01 -10.55
N LEU A 169 9.57 8.25 -11.57
CA LEU A 169 10.45 7.48 -12.50
C LEU A 169 11.59 8.37 -12.98
N LYS A 170 11.25 9.57 -13.43
CA LYS A 170 12.20 10.50 -14.10
C LYS A 170 13.11 11.15 -13.05
N THR A 171 12.51 11.83 -12.06
CA THR A 171 13.23 12.75 -11.14
C THR A 171 14.02 11.97 -10.09
N LEU A 172 13.60 10.74 -9.74
CA LEU A 172 14.33 9.91 -8.74
C LEU A 172 15.32 8.96 -9.43
N ASP A 173 15.45 8.99 -10.77
CA ASP A 173 16.39 8.11 -11.50
C ASP A 173 16.07 6.65 -11.17
N VAL A 174 14.79 6.28 -11.22
CA VAL A 174 14.37 4.90 -10.83
C VAL A 174 15.13 3.93 -11.74
N THR A 175 15.68 2.86 -11.18
CA THR A 175 16.44 1.82 -11.93
C THR A 175 15.60 0.56 -12.18
N LEU A 176 14.62 0.27 -11.32
CA LEU A 176 13.80 -0.98 -11.40
C LEU A 176 12.34 -0.60 -11.13
N THR A 177 11.42 -1.25 -11.83
CA THR A 177 9.96 -1.17 -11.57
C THR A 177 9.42 -2.57 -11.33
N TRP A 178 8.28 -2.62 -10.64
CA TRP A 178 7.45 -3.83 -10.43
C TRP A 178 6.02 -3.39 -10.68
N CYS A 179 5.38 -3.98 -11.69
CA CYS A 179 3.98 -3.69 -12.06
C CYS A 179 3.56 -4.68 -13.13
N ASN A 180 2.26 -4.85 -13.32
CA ASN A 180 1.75 -5.86 -14.27
C ASN A 180 2.06 -5.33 -15.68
N PRO A 181 2.00 -6.16 -16.74
CA PRO A 181 2.37 -5.75 -18.08
C PRO A 181 1.48 -4.65 -18.67
N THR A 182 0.21 -4.61 -18.31
CA THR A 182 -0.73 -3.54 -18.74
C THR A 182 -0.29 -2.22 -18.10
N GLU A 183 0.22 -2.25 -16.87
CA GLU A 183 0.71 -1.04 -16.15
C GLU A 183 1.99 -0.53 -16.84
N ILE A 184 2.80 -1.44 -17.43
CA ILE A 184 4.02 -1.04 -18.19
C ILE A 184 3.58 -0.14 -19.37
N THR A 185 2.53 -0.52 -20.10
CA THR A 185 2.04 0.30 -21.24
C THR A 185 1.34 1.55 -20.71
N MET A 186 0.56 1.46 -19.63
CA MET A 186 -0.10 2.64 -19.01
C MET A 186 0.98 3.67 -18.63
N LEU A 187 2.08 3.27 -17.99
CA LEU A 187 3.20 4.17 -17.63
C LEU A 187 3.84 4.76 -18.90
N ALA A 188 3.98 4.00 -19.97
CA ALA A 188 4.53 4.51 -21.26
C ALA A 188 3.61 5.59 -21.82
N ALA A 189 2.30 5.36 -21.81
CA ALA A 189 1.31 6.34 -22.34
C ALA A 189 1.33 7.59 -21.46
N ALA A 190 1.43 7.41 -20.13
CA ALA A 190 1.46 8.52 -19.16
C ALA A 190 2.76 9.31 -19.33
N ALA A 191 3.89 8.62 -19.59
CA ALA A 191 5.21 9.23 -19.89
C ALA A 191 5.06 10.19 -21.08
N LYS A 192 4.51 9.72 -22.19
N LYS A 192 4.51 9.72 -22.19
CA LYS A 192 4.33 10.55 -23.40
CA LYS A 192 4.34 10.56 -23.41
C LYS A 192 3.47 11.78 -23.05
C LYS A 192 3.47 11.78 -23.06
N ALA A 193 2.37 11.58 -22.32
CA ALA A 193 1.46 12.66 -21.88
C ALA A 193 2.21 13.70 -21.01
N ALA A 194 3.24 13.31 -20.27
CA ALA A 194 4.07 14.21 -19.43
C ALA A 194 5.23 14.82 -20.24
N GLY A 195 5.34 14.47 -21.53
CA GLY A 195 6.37 15.03 -22.44
C GLY A 195 7.68 14.24 -22.41
N LEU A 196 7.66 12.96 -21.97
CA LEU A 196 8.87 12.11 -21.85
C LEU A 196 8.74 10.89 -22.76
N ARG A 197 9.80 10.58 -23.51
CA ARG A 197 9.89 9.42 -24.43
C ARG A 197 10.31 8.20 -23.63
N PRO A 198 9.46 7.17 -23.48
CA PRO A 198 9.84 5.98 -22.73
C PRO A 198 11.14 5.32 -23.22
N ASP A 199 11.44 5.44 -24.51
CA ASP A 199 12.60 4.75 -25.14
C ASP A 199 13.89 5.57 -25.01
N GLN A 200 13.87 6.79 -24.45
CA GLN A 200 15.11 7.63 -24.36
C GLN A 200 15.21 8.42 -23.05
N ASP A 201 14.10 8.87 -22.47
CA ASP A 201 14.13 9.93 -21.42
C ASP A 201 14.26 9.30 -20.02
N PHE A 202 14.46 7.99 -19.89
CA PHE A 202 14.66 7.32 -18.57
C PHE A 202 15.93 6.49 -18.62
N PRO A 203 17.11 7.14 -18.77
CA PRO A 203 18.36 6.42 -18.99
C PRO A 203 18.87 5.60 -17.78
N HIS A 204 18.38 5.87 -16.57
CA HIS A 204 18.73 5.08 -15.36
C HIS A 204 17.87 3.81 -15.28
N LEU A 205 16.74 3.73 -15.99
CA LEU A 205 15.82 2.56 -15.87
C LEU A 205 16.50 1.36 -16.54
N ARG A 206 16.90 0.34 -15.77
CA ARG A 206 17.75 -0.77 -16.31
C ARG A 206 16.94 -2.07 -16.43
N ALA A 207 15.80 -2.21 -15.74
CA ALA A 207 14.95 -3.42 -15.82
C ALA A 207 13.53 -3.13 -15.32
N MET A 208 12.57 -3.87 -15.86
CA MET A 208 11.15 -3.80 -15.46
C MET A 208 10.70 -5.22 -15.09
N PHE A 209 10.28 -5.40 -13.84
CA PHE A 209 9.82 -6.70 -13.30
C PHE A 209 8.30 -6.74 -13.46
N THR A 210 7.76 -7.88 -13.84
CA THR A 210 6.32 -7.97 -14.14
C THR A 210 5.80 -9.38 -13.86
N ALA A 211 4.50 -9.51 -13.74
CA ALA A 211 3.75 -10.74 -13.38
C ALA A 211 2.25 -10.44 -13.46
N ALA A 212 1.40 -11.38 -13.05
CA ALA A 212 -0.03 -11.17 -12.72
C ALA A 212 -0.95 -11.37 -13.96
N GLU A 213 -0.42 -11.40 -15.18
CA GLU A 213 -1.26 -11.75 -16.36
C GLU A 213 -0.46 -12.54 -17.41
N PRO A 214 -1.15 -13.37 -18.21
CA PRO A 214 -0.53 -14.10 -19.31
C PRO A 214 0.16 -13.13 -20.26
N LEU A 215 1.41 -13.41 -20.58
CA LEU A 215 2.30 -12.51 -21.35
C LEU A 215 3.01 -13.36 -22.40
N THR A 216 2.69 -13.16 -23.68
CA THR A 216 3.40 -13.80 -24.81
C THR A 216 4.78 -13.16 -24.92
N GLU A 217 5.73 -13.89 -25.49
CA GLU A 217 7.08 -13.40 -25.82
C GLU A 217 6.95 -12.19 -26.75
N VAL A 218 5.97 -12.20 -27.67
CA VAL A 218 5.81 -11.13 -28.69
C VAL A 218 5.50 -9.81 -27.95
N ARG A 219 4.54 -9.82 -27.05
CA ARG A 219 4.17 -8.62 -26.24
C ARG A 219 5.34 -8.22 -25.34
N ARG A 220 5.95 -9.18 -24.64
CA ARG A 220 7.07 -8.88 -23.71
C ARG A 220 8.19 -8.14 -24.46
N ARG A 221 8.54 -8.60 -25.66
CA ARG A 221 9.59 -7.96 -26.49
C ARG A 221 9.16 -6.54 -26.87
N ARG A 222 7.88 -6.34 -27.20
CA ARG A 222 7.36 -4.99 -27.53
C ARG A 222 7.43 -4.08 -26.29
N LEU A 223 7.06 -4.56 -25.09
CA LEU A 223 7.19 -3.75 -23.84
C LEU A 223 8.64 -3.31 -23.62
N SER A 224 9.59 -4.24 -23.80
CA SER A 224 11.05 -3.95 -23.74
C SER A 224 11.40 -2.82 -24.72
N GLU A 225 10.97 -2.94 -25.99
CA GLU A 225 11.23 -1.97 -27.09
C GLU A 225 10.64 -0.59 -26.74
N ILE A 226 9.42 -0.55 -26.19
CA ILE A 226 8.74 0.73 -25.80
C ILE A 226 9.66 1.47 -24.81
N TRP A 227 10.31 0.74 -23.91
CA TRP A 227 11.14 1.31 -22.82
C TRP A 227 12.64 1.28 -23.18
N GLY A 228 12.97 1.27 -24.47
CA GLY A 228 14.35 1.45 -24.95
C GLY A 228 15.14 0.15 -25.05
N GLY A 229 14.49 -1.02 -25.02
CA GLY A 229 15.16 -2.33 -25.20
C GLY A 229 15.74 -2.89 -23.90
N ILE A 230 15.32 -2.39 -22.74
CA ILE A 230 15.75 -2.92 -21.42
C ILE A 230 15.02 -4.22 -21.13
N PRO A 231 15.59 -5.08 -20.27
CA PRO A 231 14.94 -6.34 -19.91
C PRO A 231 13.59 -6.18 -19.20
N VAL A 232 12.61 -6.99 -19.62
CA VAL A 232 11.30 -7.15 -18.94
C VAL A 232 11.32 -8.56 -18.33
N VAL A 233 11.43 -8.59 -17.01
CA VAL A 233 11.77 -9.81 -16.22
C VAL A 233 10.48 -10.31 -15.57
N GLU A 234 9.98 -11.43 -16.08
CA GLU A 234 8.66 -11.96 -15.72
C GLU A 234 8.82 -12.93 -14.56
N GLU A 235 7.86 -12.91 -13.64
CA GLU A 235 7.72 -14.00 -12.66
C GLU A 235 6.26 -14.44 -12.67
N TYR A 236 6.02 -15.59 -12.08
CA TYR A 236 4.71 -16.25 -11.91
C TYR A 236 4.55 -16.50 -10.40
N GLY A 237 3.46 -16.00 -9.82
CA GLY A 237 3.16 -16.21 -8.40
C GLY A 237 1.69 -16.01 -8.11
N SER A 238 1.35 -16.09 -6.84
CA SER A 238 -0.02 -15.90 -6.30
C SER A 238 0.13 -15.46 -4.87
N THR A 239 -0.88 -14.80 -4.32
CA THR A 239 -0.91 -14.34 -2.92
C THR A 239 -0.72 -15.55 -2.01
N GLU A 240 -1.34 -16.68 -2.32
CA GLU A 240 -1.39 -17.81 -1.37
C GLU A 240 -0.13 -18.69 -1.50
N THR A 241 0.71 -18.50 -2.54
CA THR A 241 1.92 -19.35 -2.79
C THR A 241 3.22 -18.53 -2.76
N GLY A 242 3.15 -17.23 -3.03
CA GLY A 242 4.32 -16.42 -3.40
C GLY A 242 4.80 -16.73 -4.80
N THR A 243 6.02 -16.26 -5.12
CA THR A 243 6.67 -16.43 -6.44
C THR A 243 7.04 -17.90 -6.62
N ILE A 244 6.53 -18.54 -7.67
CA ILE A 244 6.83 -19.98 -7.92
C ILE A 244 7.68 -20.16 -9.18
N ALA A 245 7.82 -19.16 -10.05
CA ALA A 245 8.72 -19.25 -11.22
C ALA A 245 9.23 -17.88 -11.59
N GLY A 246 10.44 -17.82 -12.15
CA GLY A 246 11.09 -16.55 -12.50
C GLY A 246 11.91 -16.73 -13.78
N GLN A 247 12.06 -15.64 -14.51
CA GLN A 247 12.69 -15.60 -15.84
C GLN A 247 14.20 -15.81 -15.72
N CYS A 248 14.80 -16.53 -16.67
CA CYS A 248 16.26 -16.63 -16.84
C CYS A 248 16.70 -15.62 -17.91
N PRO A 249 18.02 -15.44 -18.17
CA PRO A 249 18.46 -14.54 -19.23
C PRO A 249 17.98 -14.91 -20.64
N GLU A 250 17.54 -16.14 -20.90
CA GLU A 250 17.07 -16.59 -22.24
C GLU A 250 15.57 -16.31 -22.43
N GLY A 251 14.90 -15.76 -21.41
CA GLY A 251 13.53 -15.22 -21.54
C GLY A 251 12.44 -16.21 -21.17
N ARG A 252 12.80 -17.38 -20.63
CA ARG A 252 11.83 -18.39 -20.13
C ARG A 252 11.71 -18.30 -18.60
N MET A 253 10.55 -18.67 -18.06
CA MET A 253 10.31 -18.74 -16.60
C MET A 253 10.67 -20.16 -16.14
N HIS A 254 11.49 -20.26 -15.09
CA HIS A 254 11.89 -21.54 -14.48
C HIS A 254 11.15 -21.68 -13.15
N LEU A 255 10.59 -22.87 -12.89
CA LEU A 255 9.94 -23.18 -11.59
C LEU A 255 10.99 -23.21 -10.48
N TRP A 256 10.70 -22.58 -9.34
CA TRP A 256 11.60 -22.58 -8.16
C TRP A 256 11.39 -23.90 -7.38
N ALA A 257 11.76 -25.02 -8.00
CA ALA A 257 11.49 -26.38 -7.51
C ALA A 257 12.28 -26.69 -6.23
N ASP A 258 13.33 -25.93 -5.91
CA ASP A 258 14.08 -26.13 -4.64
C ASP A 258 13.20 -25.70 -3.47
N ARG A 259 12.18 -24.86 -3.70
CA ARG A 259 11.34 -24.26 -2.63
C ARG A 259 9.93 -24.84 -2.65
N ALA A 260 9.60 -25.67 -3.63
CA ALA A 260 8.23 -26.21 -3.79
C ALA A 260 8.26 -27.37 -4.77
N ILE A 261 7.41 -28.38 -4.53
CA ILE A 261 7.18 -29.50 -5.47
C ILE A 261 6.07 -29.07 -6.45
N PHE A 262 6.38 -29.08 -7.74
CA PHE A 262 5.47 -28.67 -8.84
C PHE A 262 5.01 -29.91 -9.58
N GLU A 263 3.70 -29.97 -9.83
CA GLU A 263 3.05 -31.08 -10.58
C GLU A 263 2.01 -30.48 -11.51
N VAL A 264 1.79 -31.14 -12.64
CA VAL A 264 0.79 -30.76 -13.68
C VAL A 264 -0.41 -31.70 -13.51
N TYR A 265 -1.59 -31.14 -13.26
CA TYR A 265 -2.84 -31.88 -12.95
C TYR A 265 -3.68 -31.91 -14.22
N ASP A 266 -4.03 -33.11 -14.68
CA ASP A 266 -4.96 -33.35 -15.83
C ASP A 266 -6.36 -33.53 -15.25
N PRO A 267 -7.28 -32.55 -15.41
CA PRO A 267 -8.52 -32.53 -14.65
C PRO A 267 -9.46 -33.70 -14.97
N ARG A 268 -9.48 -34.18 -16.23
CA ARG A 268 -10.37 -35.30 -16.67
C ARG A 268 -9.88 -36.61 -16.06
N THR A 269 -8.58 -36.92 -16.18
CA THR A 269 -7.99 -38.18 -15.65
C THR A 269 -7.76 -38.04 -14.14
N GLY A 270 -7.57 -36.82 -13.62
CA GLY A 270 -7.27 -36.58 -12.19
C GLY A 270 -5.85 -37.01 -11.82
N THR A 271 -4.97 -37.25 -12.81
CA THR A 271 -3.57 -37.70 -12.62
C THR A 271 -2.63 -36.49 -12.47
N LEU A 272 -1.47 -36.72 -11.85
CA LEU A 272 -0.40 -35.71 -11.59
C LEU A 272 0.89 -36.22 -12.22
N SER A 273 1.52 -35.41 -13.07
CA SER A 273 2.85 -35.71 -13.64
C SER A 273 3.80 -34.55 -13.34
N GLU A 274 5.10 -34.78 -13.53
CA GLU A 274 6.17 -33.78 -13.28
C GLU A 274 6.17 -32.71 -14.39
N ALA A 275 5.63 -33.01 -15.57
CA ALA A 275 5.70 -32.10 -16.74
C ALA A 275 4.46 -32.27 -17.62
N GLY A 276 4.35 -31.44 -18.66
CA GLY A 276 3.28 -31.49 -19.67
C GLY A 276 2.28 -30.37 -19.51
N ARG A 277 1.11 -30.53 -20.12
CA ARG A 277 0.01 -29.53 -20.19
C ARG A 277 -1.03 -29.88 -19.13
N GLY A 278 -1.58 -28.87 -18.44
CA GLY A 278 -2.62 -29.05 -17.40
C GLY A 278 -2.59 -27.94 -16.37
N GLN A 279 -3.08 -28.21 -15.16
CA GLN A 279 -3.30 -27.19 -14.11
C GLN A 279 -2.15 -27.22 -13.11
N MET A 280 -1.62 -26.04 -12.74
CA MET A 280 -0.41 -25.88 -11.89
C MET A 280 -0.74 -26.33 -10.45
N VAL A 281 -0.06 -27.38 -9.99
CA VAL A 281 -0.18 -27.86 -8.58
C VAL A 281 1.16 -27.61 -7.87
N VAL A 282 1.08 -27.12 -6.62
CA VAL A 282 2.22 -26.60 -5.81
C VAL A 282 2.16 -27.18 -4.41
N THR A 283 3.28 -27.74 -3.94
CA THR A 283 3.51 -28.05 -2.51
C THR A 283 4.70 -27.20 -2.02
N PRO A 284 4.47 -26.02 -1.39
CA PRO A 284 5.57 -25.22 -0.85
C PRO A 284 6.29 -25.97 0.28
N LEU A 285 7.62 -25.88 0.34
CA LEU A 285 8.44 -26.69 1.27
C LEU A 285 8.87 -25.89 2.50
N TYR A 286 8.89 -24.55 2.45
CA TYR A 286 9.41 -23.72 3.57
C TYR A 286 8.35 -22.72 4.03
N ARG A 287 7.22 -23.23 4.52
CA ARG A 287 6.21 -22.39 5.21
C ARG A 287 5.69 -23.12 6.45
N ASP A 288 5.47 -22.36 7.52
CA ASP A 288 4.99 -22.87 8.84
C ASP A 288 3.51 -22.51 9.01
N ALA A 289 3.10 -21.28 8.67
CA ALA A 289 1.79 -20.75 9.08
C ALA A 289 0.65 -21.44 8.32
N MET A 290 0.80 -21.61 7.01
CA MET A 290 -0.30 -22.08 6.12
C MET A 290 0.21 -23.18 5.20
N PRO A 291 0.51 -24.38 5.74
CA PRO A 291 0.96 -25.49 4.90
C PRO A 291 -0.06 -25.80 3.80
N LEU A 292 0.41 -26.04 2.58
CA LEU A 292 -0.39 -26.46 1.42
C LEU A 292 0.18 -27.75 0.83
N LEU A 293 -0.68 -28.76 0.66
CA LEU A 293 -0.33 -30.09 0.07
C LEU A 293 -1.04 -30.26 -1.27
N ARG A 294 -0.25 -30.18 -2.35
CA ARG A 294 -0.69 -30.25 -3.76
C ARG A 294 -1.86 -29.28 -3.97
N TYR A 295 -1.64 -28.00 -3.67
CA TYR A 295 -2.62 -26.93 -3.95
C TYR A 295 -2.70 -26.71 -5.45
N ASN A 296 -3.90 -26.87 -6.01
CA ASN A 296 -4.19 -26.61 -7.45
C ASN A 296 -4.51 -25.12 -7.62
N LEU A 297 -3.54 -24.35 -8.08
CA LEU A 297 -3.71 -22.90 -8.43
C LEU A 297 -4.74 -22.81 -9.57
N ALA A 298 -4.92 -23.91 -10.32
CA ALA A 298 -5.90 -24.08 -11.43
C ALA A 298 -5.56 -23.16 -12.59
N ASP A 299 -4.31 -22.68 -12.69
CA ASP A 299 -3.82 -22.01 -13.92
C ASP A 299 -3.50 -23.10 -14.95
N ASP A 300 -3.91 -22.88 -16.20
CA ASP A 300 -3.50 -23.68 -17.38
C ASP A 300 -2.03 -23.39 -17.67
N VAL A 301 -1.18 -24.42 -17.62
CA VAL A 301 0.30 -24.28 -17.81
C VAL A 301 0.82 -25.42 -18.67
N GLU A 302 1.95 -25.17 -19.34
CA GLU A 302 2.82 -26.23 -19.93
C GLU A 302 4.19 -26.17 -19.21
N VAL A 303 4.55 -27.24 -18.52
CA VAL A 303 5.89 -27.43 -17.90
C VAL A 303 6.74 -28.32 -18.82
N SER A 304 7.97 -27.90 -19.13
CA SER A 304 8.98 -28.69 -19.87
C SER A 304 10.24 -28.92 -19.02
N THR A 305 10.79 -30.12 -19.10
CA THR A 305 12.08 -30.52 -18.47
C THR A 305 13.20 -30.48 -19.50
N ASP A 306 12.93 -30.06 -20.75
CA ASP A 306 13.98 -29.83 -21.79
C ASP A 306 15.00 -28.82 -21.26
N PRO A 307 16.32 -29.07 -21.35
CA PRO A 307 17.30 -28.14 -20.79
C PRO A 307 17.22 -26.80 -21.53
N CYS A 308 17.42 -25.71 -20.79
CA CYS A 308 17.43 -24.31 -21.31
C CYS A 308 18.90 -23.93 -21.56
N GLY A 309 19.10 -23.05 -22.57
CA GLY A 309 20.39 -22.40 -22.86
C GLY A 309 20.98 -21.66 -21.67
N CYS A 310 20.16 -21.24 -20.68
CA CYS A 310 20.60 -20.49 -19.47
C CYS A 310 21.47 -21.40 -18.58
N GLY A 311 21.28 -22.72 -18.67
CA GLY A 311 22.06 -23.73 -17.91
C GLY A 311 21.49 -23.97 -16.53
N TRP A 312 20.47 -23.20 -16.11
CA TRP A 312 19.75 -23.41 -14.83
C TRP A 312 19.14 -24.82 -14.83
N LEU A 313 19.34 -25.57 -13.75
CA LEU A 313 18.86 -26.97 -13.66
C LEU A 313 17.46 -26.98 -13.05
N LEU A 314 16.50 -26.39 -13.77
CA LEU A 314 15.09 -26.26 -13.33
C LEU A 314 14.18 -26.34 -14.55
N PRO A 315 13.02 -27.01 -14.46
CA PRO A 315 12.05 -27.02 -15.56
C PRO A 315 11.51 -25.62 -15.84
N THR A 316 11.06 -25.41 -17.08
CA THR A 316 10.45 -24.13 -17.52
C THR A 316 8.93 -24.27 -17.52
N VAL A 317 8.24 -23.15 -17.52
CA VAL A 317 6.74 -23.11 -17.47
C VAL A 317 6.28 -21.93 -18.34
N THR A 318 5.37 -22.21 -19.26
CA THR A 318 4.47 -21.22 -19.90
C THR A 318 3.15 -21.22 -19.13
N VAL A 319 2.64 -20.05 -18.78
CA VAL A 319 1.34 -19.88 -18.07
C VAL A 319 0.33 -19.31 -19.09
N LEU A 320 -0.62 -20.13 -19.53
CA LEU A 320 -1.76 -19.70 -20.39
C LEU A 320 -2.81 -19.01 -19.51
N GLY A 321 -3.16 -19.59 -18.34
CA GLY A 321 -4.32 -19.18 -17.55
C GLY A 321 -5.57 -19.12 -18.41
N ARG A 322 -6.41 -18.07 -18.25
CA ARG A 322 -7.65 -17.87 -19.04
C ARG A 322 -7.29 -17.55 -20.51
N ALA A 323 -6.06 -17.09 -20.77
CA ALA A 323 -5.61 -16.62 -22.10
C ALA A 323 -5.43 -17.80 -23.06
N GLY A 324 -5.50 -19.05 -22.54
CA GLY A 324 -5.28 -20.29 -23.32
C GLY A 324 -6.57 -20.96 -23.76
N THR A 325 -7.71 -20.64 -23.13
CA THR A 325 -9.01 -21.30 -23.41
C THR A 325 -9.51 -20.82 -24.79
N GLY A 326 -9.73 -21.77 -25.72
CA GLY A 326 -10.19 -21.47 -27.09
C GLY A 326 -11.62 -20.96 -27.09
N HIS A 327 -11.89 -19.84 -27.76
CA HIS A 327 -13.25 -19.47 -28.20
C HIS A 327 -13.41 -19.85 -29.67
N ARG A 328 -14.52 -20.50 -30.00
CA ARG A 328 -14.85 -20.92 -31.39
C ARG A 328 -15.60 -19.75 -32.04
N ILE A 329 -15.07 -19.26 -33.16
CA ILE A 329 -15.62 -18.09 -33.91
C ILE A 329 -15.72 -18.51 -35.37
N GLY A 330 -16.92 -18.90 -35.82
CA GLY A 330 -17.11 -19.54 -37.14
C GLY A 330 -16.27 -20.81 -37.23
N PRO A 331 -15.36 -20.95 -38.23
CA PRO A 331 -14.56 -22.16 -38.39
C PRO A 331 -13.43 -22.31 -37.36
N ALA A 332 -12.87 -21.20 -36.89
CA ALA A 332 -11.58 -21.11 -36.17
C ALA A 332 -11.74 -21.15 -34.64
N THR A 333 -10.67 -21.49 -33.93
CA THR A 333 -10.54 -21.35 -32.45
C THR A 333 -9.52 -20.24 -32.19
N VAL A 334 -9.87 -19.28 -31.33
CA VAL A 334 -8.98 -18.13 -31.01
C VAL A 334 -8.78 -18.10 -29.48
N THR A 335 -7.52 -17.95 -29.08
CA THR A 335 -7.08 -17.74 -27.68
C THR A 335 -6.70 -16.27 -27.56
N GLN A 336 -6.75 -15.70 -26.36
CA GLN A 336 -6.16 -14.38 -26.09
C GLN A 336 -4.67 -14.39 -26.48
N GLN A 337 -3.95 -15.47 -26.15
N GLN A 337 -3.95 -15.46 -26.17
CA GLN A 337 -2.50 -15.65 -26.44
CA GLN A 337 -2.49 -15.56 -26.43
C GLN A 337 -2.22 -15.37 -27.92
C GLN A 337 -2.22 -15.36 -27.93
N ARG A 338 -2.97 -16.03 -28.81
CA ARG A 338 -2.72 -15.95 -30.27
C ARG A 338 -3.08 -14.54 -30.79
N LEU A 339 -4.20 -13.95 -30.34
CA LEU A 339 -4.59 -12.58 -30.75
C LEU A 339 -3.49 -11.61 -30.32
N GLU A 340 -3.01 -11.76 -29.08
CA GLU A 340 -1.98 -10.86 -28.49
C GLU A 340 -0.74 -10.83 -29.40
N GLU A 341 -0.28 -12.01 -29.86
CA GLU A 341 0.92 -12.15 -30.72
C GLU A 341 0.71 -11.37 -32.03
N LEU A 342 -0.50 -11.37 -32.57
CA LEU A 342 -0.83 -10.65 -33.82
C LEU A 342 -0.91 -9.14 -33.54
N VAL A 343 -1.59 -8.71 -32.48
CA VAL A 343 -1.71 -7.26 -32.16
C VAL A 343 -0.30 -6.67 -31.93
N PHE A 344 0.55 -7.37 -31.19
CA PHE A 344 1.88 -6.83 -30.81
C PHE A 344 2.93 -7.18 -31.87
N SER A 345 2.53 -7.76 -33.01
CA SER A 345 3.38 -7.92 -34.22
C SER A 345 3.22 -6.73 -35.17
N LEU A 346 2.23 -5.86 -34.97
CA LEU A 346 2.15 -4.57 -35.69
C LEU A 346 3.46 -3.82 -35.48
N PRO A 347 3.95 -3.05 -36.47
CA PRO A 347 5.15 -2.22 -36.30
C PRO A 347 5.05 -1.32 -35.06
N ALA A 348 6.14 -1.24 -34.29
CA ALA A 348 6.23 -0.45 -33.04
C ALA A 348 5.86 1.02 -33.28
N ALA A 349 6.12 1.57 -34.47
CA ALA A 349 5.85 2.99 -34.82
C ALA A 349 4.33 3.28 -34.79
N TYR A 350 3.46 2.28 -34.91
CA TYR A 350 1.99 2.45 -34.85
C TYR A 350 1.51 2.73 -33.42
N GLU A 351 2.35 2.45 -32.41
CA GLU A 351 2.07 2.72 -30.98
C GLU A 351 0.78 2.03 -30.56
N VAL A 352 0.53 0.82 -31.07
CA VAL A 352 -0.67 0.04 -30.66
C VAL A 352 -0.30 -0.75 -29.39
N MET A 353 -0.97 -0.42 -28.28
CA MET A 353 -0.71 -0.96 -26.92
C MET A 353 -2.02 -1.39 -26.25
N PHE A 354 -3.10 -0.64 -26.50
CA PHE A 354 -4.40 -0.83 -25.82
C PHE A 354 -5.39 -1.38 -26.84
N TRP A 355 -5.97 -2.53 -26.50
CA TRP A 355 -6.92 -3.23 -27.39
C TRP A 355 -7.86 -4.07 -26.55
N ARG A 356 -8.92 -4.54 -27.17
CA ARG A 356 -9.86 -5.50 -26.56
C ARG A 356 -10.64 -6.17 -27.68
N ALA A 357 -11.09 -7.40 -27.43
CA ALA A 357 -11.78 -8.26 -28.41
C ALA A 357 -12.93 -8.99 -27.72
N LYS A 358 -14.01 -9.23 -28.46
CA LYS A 358 -15.15 -10.09 -28.03
C LYS A 358 -15.28 -11.24 -29.04
N ALA A 359 -15.24 -12.47 -28.52
CA ALA A 359 -15.55 -13.70 -29.28
C ALA A 359 -17.07 -13.84 -29.39
N HIS A 360 -17.65 -13.43 -30.51
CA HIS A 360 -19.04 -13.78 -30.90
C HIS A 360 -19.02 -15.14 -31.60
N PRO A 361 -20.15 -15.88 -31.61
CA PRO A 361 -20.22 -17.16 -32.32
C PRO A 361 -19.82 -17.03 -33.81
N ASP A 362 -20.09 -15.87 -34.43
CA ASP A 362 -19.97 -15.66 -35.89
C ASP A 362 -18.72 -14.83 -36.24
N VAL A 363 -18.18 -14.01 -35.33
CA VAL A 363 -17.24 -12.91 -35.71
C VAL A 363 -16.42 -12.48 -34.50
N LEU A 364 -15.18 -12.07 -34.73
CA LEU A 364 -14.30 -11.48 -33.70
C LEU A 364 -14.43 -9.95 -33.79
N GLU A 365 -15.01 -9.35 -32.76
CA GLU A 365 -15.07 -7.87 -32.61
C GLU A 365 -13.78 -7.45 -31.90
N LEU A 366 -12.97 -6.59 -32.52
CA LEU A 366 -11.68 -6.13 -31.94
C LEU A 366 -11.55 -4.62 -32.15
N GLU A 367 -11.24 -3.91 -31.06
CA GLU A 367 -11.01 -2.46 -31.01
C GLU A 367 -9.60 -2.21 -30.49
N PHE A 368 -8.91 -1.20 -31.00
CA PHE A 368 -7.58 -0.80 -30.49
C PHE A 368 -7.34 0.69 -30.76
N GLU A 369 -6.48 1.30 -29.94
CA GLU A 369 -6.07 2.71 -30.10
C GLU A 369 -4.82 2.78 -30.98
N ALA A 370 -4.83 3.71 -31.92
CA ALA A 370 -3.67 4.09 -32.74
C ALA A 370 -3.79 5.55 -33.11
N PRO A 371 -2.66 6.32 -33.00
CA PRO A 371 -2.70 7.74 -33.27
C PRO A 371 -3.04 7.96 -34.74
N GLU A 372 -3.48 9.18 -35.06
CA GLU A 372 -4.34 9.47 -36.22
C GLU A 372 -3.67 9.11 -37.55
N PRO A 373 -2.41 9.51 -37.84
CA PRO A 373 -1.91 9.32 -39.20
C PRO A 373 -1.85 7.83 -39.58
N VAL A 374 -1.65 6.92 -38.62
CA VAL A 374 -1.31 5.49 -38.89
C VAL A 374 -2.51 4.58 -38.64
N ARG A 375 -3.58 5.10 -38.04
CA ARG A 375 -4.73 4.29 -37.53
C ARG A 375 -5.26 3.36 -38.63
N GLN A 376 -5.46 3.86 -39.84
CA GLN A 376 -6.13 3.09 -40.94
C GLN A 376 -5.17 2.03 -41.50
N ARG A 377 -3.88 2.35 -41.68
CA ARG A 377 -2.82 1.35 -42.00
C ARG A 377 -2.84 0.23 -40.95
N ALA A 378 -2.86 0.58 -39.65
CA ALA A 378 -2.87 -0.39 -38.53
C ALA A 378 -4.07 -1.33 -38.66
N VAL A 379 -5.27 -0.77 -38.88
CA VAL A 379 -6.54 -1.55 -39.02
C VAL A 379 -6.39 -2.55 -40.17
N LYS A 380 -5.87 -2.07 -41.31
CA LYS A 380 -5.68 -2.88 -42.55
C LYS A 380 -4.68 -4.02 -42.28
N GLU A 381 -3.51 -3.71 -41.72
CA GLU A 381 -2.43 -4.70 -41.46
C GLU A 381 -2.89 -5.75 -40.44
N LEU A 382 -3.59 -5.35 -39.38
CA LEU A 382 -4.10 -6.31 -38.35
C LEU A 382 -5.16 -7.21 -38.98
N GLY A 383 -6.03 -6.67 -39.85
CA GLY A 383 -7.01 -7.45 -40.63
C GLY A 383 -6.34 -8.53 -41.48
N ALA A 384 -5.31 -8.16 -42.24
CA ALA A 384 -4.53 -9.10 -43.09
C ALA A 384 -3.92 -10.20 -42.20
N ALA A 385 -3.34 -9.82 -41.05
CA ALA A 385 -2.64 -10.74 -40.12
C ALA A 385 -3.64 -11.79 -39.60
N LEU A 386 -4.86 -11.37 -39.26
CA LEU A 386 -5.92 -12.28 -38.74
C LEU A 386 -6.37 -13.25 -39.86
N ASP A 387 -6.53 -12.73 -41.08
CA ASP A 387 -6.91 -13.55 -42.27
C ASP A 387 -5.85 -14.63 -42.48
N ARG A 388 -4.57 -14.25 -42.51
CA ARG A 388 -3.44 -15.17 -42.84
C ARG A 388 -3.25 -16.22 -41.73
N GLU A 389 -3.42 -15.84 -40.46
CA GLU A 389 -2.93 -16.65 -39.31
C GLU A 389 -4.10 -17.37 -38.59
N LEU A 390 -5.32 -16.85 -38.66
CA LEU A 390 -6.48 -17.43 -37.94
C LEU A 390 -7.64 -17.74 -38.88
N GLY A 391 -7.86 -16.92 -39.91
CA GLY A 391 -8.95 -17.09 -40.89
C GLY A 391 -10.32 -16.87 -40.27
N VAL A 392 -10.40 -16.20 -39.10
CA VAL A 392 -11.68 -15.81 -38.45
C VAL A 392 -12.27 -14.60 -39.17
N PRO A 393 -13.61 -14.54 -39.30
CA PRO A 393 -14.27 -13.29 -39.71
C PRO A 393 -14.11 -12.31 -38.54
N HIS A 394 -13.86 -11.05 -38.85
CA HIS A 394 -13.54 -10.01 -37.83
C HIS A 394 -14.23 -8.70 -38.22
N ARG A 395 -14.55 -7.89 -37.21
CA ARG A 395 -14.86 -6.45 -37.35
C ARG A 395 -13.83 -5.73 -36.46
N ILE A 396 -12.80 -5.16 -37.09
CA ILE A 396 -11.72 -4.40 -36.41
C ILE A 396 -12.03 -2.90 -36.55
N THR A 397 -12.08 -2.20 -35.41
CA THR A 397 -12.24 -0.72 -35.33
C THR A 397 -11.00 -0.11 -34.67
N GLY A 398 -10.30 0.76 -35.39
CA GLY A 398 -9.22 1.61 -34.84
C GLY A 398 -9.83 2.83 -34.17
N LEU A 399 -9.44 3.13 -32.94
CA LEU A 399 -10.00 4.22 -32.10
C LEU A 399 -8.91 5.28 -31.89
N ALA A 400 -9.32 6.52 -31.63
CA ALA A 400 -8.38 7.59 -31.21
C ALA A 400 -7.86 7.25 -29.82
N PRO A 401 -6.57 7.48 -29.54
CA PRO A 401 -6.08 7.45 -28.17
C PRO A 401 -7.01 8.27 -27.25
N GLY A 402 -7.24 7.81 -26.03
CA GLY A 402 -8.16 8.50 -25.12
C GLY A 402 -9.54 7.87 -25.12
N THR A 403 -9.78 6.83 -25.91
CA THR A 403 -11.12 6.19 -26.03
C THR A 403 -11.19 4.99 -25.08
N LEU A 404 -10.19 4.11 -25.09
CA LEU A 404 -10.13 2.91 -24.20
C LEU A 404 -9.41 3.29 -22.90
N VAL A 405 -8.34 4.08 -23.01
CA VAL A 405 -7.58 4.64 -21.86
C VAL A 405 -7.72 6.16 -21.92
N PRO A 406 -8.63 6.75 -21.12
CA PRO A 406 -8.91 8.18 -21.20
C PRO A 406 -7.68 9.02 -20.81
N ALA A 407 -7.52 10.18 -21.45
CA ALA A 407 -6.40 11.13 -21.23
C ALA A 407 -6.29 11.49 -19.73
N GLU A 408 -7.41 11.49 -19.01
CA GLU A 408 -7.47 11.92 -17.59
C GLU A 408 -6.72 10.89 -16.72
N ALA A 409 -6.85 9.60 -17.02
CA ALA A 409 -6.08 8.52 -16.34
C ALA A 409 -4.58 8.82 -16.47
N LEU A 410 -4.15 9.36 -17.62
CA LEU A 410 -2.70 9.53 -17.93
C LEU A 410 -2.16 10.82 -17.31
N THR A 411 -2.99 11.84 -17.12
CA THR A 411 -2.53 13.21 -16.77
C THR A 411 -3.12 13.74 -15.46
N ALA A 412 -4.21 13.18 -14.94
CA ALA A 412 -4.84 13.72 -13.70
C ALA A 412 -3.80 13.73 -12.58
N GLN A 413 -3.72 14.84 -11.84
CA GLN A 413 -2.96 14.99 -10.57
C GLN A 413 -4.00 15.08 -9.46
N ARG A 414 -3.76 14.41 -8.34
CA ARG A 414 -4.70 14.42 -7.19
C ARG A 414 -3.89 14.73 -5.93
N ASP A 415 -4.13 15.91 -5.36
CA ASP A 415 -3.62 16.28 -4.01
C ASP A 415 -4.04 15.15 -3.05
N ILE A 416 -3.17 14.80 -2.10
CA ILE A 416 -3.49 13.81 -1.02
C ILE A 416 -4.09 14.59 0.16
N LEU A 417 -5.43 14.66 0.19
CA LEU A 417 -6.20 15.52 1.13
C LEU A 417 -6.47 14.70 2.41
N LYS A 418 -6.48 15.38 3.54
CA LYS A 418 -7.10 14.89 4.80
C LYS A 418 -8.55 15.37 4.76
N ALA A 419 -9.42 14.79 5.60
CA ALA A 419 -10.78 15.29 5.83
C ALA A 419 -10.71 16.75 6.29
N ARG A 420 -11.59 17.56 5.73
CA ARG A 420 -11.78 18.97 6.16
C ARG A 420 -13.27 19.15 6.36
N TYR A 421 -13.66 19.90 7.37
CA TYR A 421 -15.06 20.06 7.76
C TYR A 421 -15.48 21.52 7.56
N LEU A 422 -14.59 22.47 7.87
CA LEU A 422 -14.80 23.93 7.72
C LEU A 422 -14.10 24.43 6.46
N PHE A 423 -14.84 25.10 5.57
CA PHE A 423 -14.33 25.65 4.30
C PHE A 423 -14.56 27.17 4.24
N ALA A 424 -13.68 27.84 3.52
CA ALA A 424 -13.84 29.26 3.14
C ALA A 424 -14.86 29.34 2.00
N GLU A 425 -15.52 30.48 1.87
CA GLU A 425 -16.60 30.76 0.89
C GLU A 425 -16.21 30.28 -0.51
N ASP A 426 -14.95 30.48 -0.90
CA ASP A 426 -14.46 30.28 -2.30
C ASP A 426 -13.97 28.83 -2.54
N GLU A 427 -14.09 27.92 -1.56
CA GLU A 427 -13.55 26.54 -1.69
C GLU A 427 -14.66 25.58 -2.12
N ASP A 428 -14.25 24.45 -2.72
CA ASP A 428 -15.13 23.31 -3.09
C ASP A 428 -15.29 22.40 -1.87
N TRP A 429 -16.41 22.52 -1.14
CA TRP A 429 -16.65 21.76 0.10
C TRP A 429 -17.23 20.37 -0.21
N ASP A 430 -17.25 19.96 -1.48
CA ASP A 430 -17.58 18.57 -1.88
C ASP A 430 -16.35 17.67 -1.68
N LYS A 431 -15.36 18.12 -0.90
CA LYS A 431 -14.14 17.36 -0.50
C LYS A 431 -14.14 17.16 1.03
N ALA A 432 -15.29 17.33 1.68
CA ALA A 432 -15.41 17.44 3.16
C ALA A 432 -15.09 16.09 3.83
N VAL A 433 -16.04 15.17 3.76
CA VAL A 433 -15.98 13.81 4.39
C VAL A 433 -15.52 12.79 3.35
N MET A 434 -15.80 13.05 2.06
CA MET A 434 -15.29 12.31 0.86
C MET A 434 -14.07 13.06 0.29
N TYR A 435 -12.90 12.91 0.94
CA TYR A 435 -11.64 13.66 0.68
C TYR A 435 -10.67 12.81 -0.15
N PHE A 436 -11.04 11.55 -0.40
CA PHE A 436 -10.16 10.48 -0.94
C PHE A 436 -9.50 10.98 -2.23
N ALA B 1 18.86 -6.07 25.84
CA ALA B 1 18.28 -5.01 26.74
C ALA B 1 19.40 -4.05 27.19
N MET B 2 20.54 -4.62 27.60
CA MET B 2 21.77 -3.88 28.04
C MET B 2 22.26 -2.93 26.93
N SER B 3 22.37 -3.44 25.69
CA SER B 3 22.87 -2.69 24.52
C SER B 3 21.71 -2.26 23.62
N ARG B 4 20.70 -1.60 24.20
CA ARG B 4 19.68 -0.85 23.42
C ARG B 4 20.28 0.53 23.14
N SER B 5 20.17 0.97 21.89
CA SER B 5 20.98 2.05 21.27
C SER B 5 20.29 3.41 21.45
N ARG B 6 18.98 3.42 21.70
CA ARG B 6 18.20 4.67 21.83
C ARG B 6 17.44 4.67 23.15
N PRO B 7 17.16 5.85 23.75
CA PRO B 7 16.49 5.92 25.04
C PRO B 7 15.02 5.51 24.96
N GLU B 8 14.47 5.07 26.10
CA GLU B 8 13.04 4.71 26.28
C GLU B 8 12.54 5.46 27.51
N LEU B 9 11.22 5.60 27.65
CA LEU B 9 10.59 6.19 28.86
C LEU B 9 11.22 5.49 30.06
N GLY B 10 11.61 6.27 31.08
CA GLY B 10 12.21 5.74 32.32
C GLY B 10 13.72 5.92 32.37
N ASP B 11 14.35 6.36 31.28
CA ASP B 11 15.83 6.50 31.20
C ASP B 11 16.29 7.85 31.82
N TRP B 12 15.34 8.73 32.13
CA TRP B 12 15.59 10.03 32.80
C TRP B 12 14.60 10.19 33.94
N SER B 13 15.04 10.79 35.05
CA SER B 13 14.20 11.05 36.25
C SER B 13 13.92 12.55 36.42
N SER B 14 14.46 13.40 35.53
CA SER B 14 14.31 14.88 35.62
C SER B 14 14.44 15.54 34.24
N PRO B 15 13.90 16.77 34.06
CA PRO B 15 14.10 17.54 32.84
C PRO B 15 15.56 17.86 32.49
N ALA B 16 16.46 17.97 33.48
CA ALA B 16 17.90 18.25 33.25
C ALA B 16 18.56 17.00 32.67
N GLU B 17 18.19 15.82 33.14
CA GLU B 17 18.68 14.52 32.60
C GLU B 17 18.23 14.39 31.14
N LEU B 18 16.95 14.70 30.85
CA LEU B 18 16.39 14.64 29.48
C LEU B 18 17.23 15.56 28.57
N ALA B 19 17.48 16.80 29.00
CA ALA B 19 18.28 17.81 28.25
C ALA B 19 19.69 17.29 27.96
N GLU B 20 20.29 16.53 28.89
CA GLU B 20 21.63 15.94 28.68
C GLU B 20 21.55 14.77 27.70
N LEU B 21 20.49 13.96 27.75
CA LEU B 21 20.28 12.90 26.71
C LEU B 21 20.25 13.58 25.33
N GLN B 22 19.60 14.74 25.23
CA GLN B 22 19.48 15.50 23.95
C GLN B 22 20.83 16.10 23.56
N ARG B 23 21.45 16.86 24.48
CA ARG B 23 22.69 17.64 24.20
C ARG B 23 23.80 16.69 23.72
N SER B 24 23.89 15.48 24.27
CA SER B 24 24.99 14.51 24.01
C SER B 24 24.97 14.03 22.54
N GLN B 25 23.79 14.08 21.88
CA GLN B 25 23.65 13.59 20.48
C GLN B 25 23.97 14.72 19.48
N LEU B 26 24.01 15.97 19.91
CA LEU B 26 24.04 17.14 18.98
C LEU B 26 25.32 17.16 18.13
N PRO B 27 26.52 16.82 18.67
CA PRO B 27 27.73 16.78 17.85
C PRO B 27 27.64 15.78 16.68
N ARG B 28 27.14 14.56 16.92
CA ARG B 28 26.93 13.59 15.81
C ARG B 28 25.92 14.17 14.80
N VAL B 29 24.85 14.80 15.30
CA VAL B 29 23.72 15.31 14.46
C VAL B 29 24.24 16.43 13.57
N LEU B 30 24.95 17.41 14.16
CA LEU B 30 25.47 18.58 13.41
C LEU B 30 26.47 18.11 12.36
N ALA B 31 27.33 17.13 12.70
CA ALA B 31 28.28 16.50 11.76
C ALA B 31 27.52 15.83 10.61
N GLN B 32 26.45 15.10 10.91
CA GLN B 32 25.69 14.35 9.87
C GLN B 32 24.96 15.36 8.96
N ALA B 33 24.34 16.39 9.52
CA ALA B 33 23.65 17.48 8.77
C ALA B 33 24.60 18.09 7.73
N LEU B 34 25.85 18.36 8.11
CA LEU B 34 26.84 19.04 7.22
C LEU B 34 27.19 18.17 6.00
N ARG B 35 26.86 16.87 6.02
CA ARG B 35 27.14 15.97 4.87
C ARG B 35 26.11 16.23 3.75
N SER B 36 24.97 16.85 4.04
CA SER B 36 23.89 17.10 3.04
C SER B 36 24.25 18.33 2.21
N PRO B 37 23.92 18.33 0.90
CA PRO B 37 24.12 19.52 0.07
C PRO B 37 23.44 20.77 0.65
N PHE B 38 22.28 20.63 1.29
CA PHE B 38 21.52 21.80 1.83
C PHE B 38 22.36 22.49 2.90
N TYR B 39 22.82 21.78 3.93
CA TYR B 39 23.54 22.40 5.09
C TYR B 39 24.98 22.78 4.68
N ALA B 40 25.67 21.97 3.89
CA ALA B 40 27.02 22.27 3.35
C ALA B 40 26.98 23.62 2.61
N ALA B 41 25.97 23.84 1.75
CA ALA B 41 25.74 25.10 1.00
C ALA B 41 25.39 26.24 1.97
N ARG B 42 24.44 26.01 2.90
CA ARG B 42 24.02 26.98 3.94
C ARG B 42 25.25 27.51 4.70
N TYR B 43 26.19 26.65 5.10
CA TYR B 43 27.35 27.03 5.97
C TYR B 43 28.63 27.18 5.16
N ARG B 44 28.53 27.32 3.84
CA ARG B 44 29.66 27.63 2.91
C ARG B 44 30.30 28.96 3.33
N GLY B 45 31.63 29.04 3.31
CA GLY B 45 32.39 30.25 3.69
C GLY B 45 32.57 30.35 5.20
N THR B 46 31.47 30.30 5.97
CA THR B 46 31.45 30.45 7.46
C THR B 46 31.93 29.13 8.10
N THR B 47 32.10 29.13 9.43
CA THR B 47 32.43 27.91 10.23
C THR B 47 31.12 27.26 10.67
N PRO B 48 30.89 25.96 10.38
CA PRO B 48 29.61 25.32 10.69
C PRO B 48 29.43 25.05 12.19
N PRO B 49 28.18 24.91 12.68
CA PRO B 49 27.94 24.54 14.07
C PRO B 49 28.37 23.07 14.28
N ARG B 50 29.17 22.80 15.32
CA ARG B 50 29.74 21.46 15.64
C ARG B 50 29.37 21.01 17.06
N THR B 51 29.09 21.96 17.97
CA THR B 51 28.90 21.68 19.43
C THR B 51 27.46 21.99 19.84
N ALA B 52 27.02 21.43 20.97
CA ALA B 52 25.70 21.65 21.60
C ALA B 52 25.47 23.16 21.74
N ASP B 53 26.49 23.92 22.15
CA ASP B 53 26.41 25.39 22.34
C ASP B 53 26.02 26.08 21.03
N ASP B 54 26.64 25.67 19.92
CA ASP B 54 26.45 26.27 18.56
C ASP B 54 25.01 26.08 18.09
N PHE B 55 24.29 25.08 18.61
CA PHE B 55 22.89 24.76 18.22
C PHE B 55 21.97 25.97 18.44
N ALA B 56 22.19 26.76 19.51
CA ALA B 56 21.41 27.98 19.86
C ALA B 56 21.38 29.00 18.71
N GLY B 57 22.41 28.92 17.82
CA GLY B 57 22.57 29.83 16.66
C GLY B 57 22.07 29.22 15.35
N VAL B 58 21.54 28.00 15.35
CA VAL B 58 21.14 27.27 14.09
C VAL B 58 19.78 27.78 13.56
N GLU B 59 19.85 28.25 12.29
CA GLU B 59 18.71 28.83 11.55
C GLU B 59 17.64 27.74 11.34
N VAL B 60 16.37 28.12 11.45
CA VAL B 60 15.19 27.28 11.11
C VAL B 60 15.33 26.76 9.67
N THR B 61 14.90 25.52 9.45
CA THR B 61 14.66 24.90 8.13
C THR B 61 13.14 24.94 7.86
N ALA B 62 12.71 25.55 6.76
CA ALA B 62 11.29 25.73 6.42
C ALA B 62 10.83 24.58 5.52
N LYS B 63 9.53 24.29 5.53
CA LYS B 63 8.87 23.40 4.54
C LYS B 63 9.33 23.77 3.13
N GLN B 64 9.40 25.06 2.83
CA GLN B 64 9.74 25.55 1.47
C GLN B 64 11.18 25.11 1.14
N ASP B 65 12.06 24.99 2.15
CA ASP B 65 13.45 24.51 1.93
C ASP B 65 13.41 23.06 1.45
N LEU B 66 12.65 22.19 2.12
CA LEU B 66 12.53 20.76 1.74
C LEU B 66 11.99 20.68 0.31
N ARG B 67 11.01 21.51 -0.04
CA ARG B 67 10.39 21.51 -1.40
C ARG B 67 11.42 21.97 -2.43
N ASP B 68 12.17 23.03 -2.14
CA ASP B 68 13.22 23.58 -3.03
C ASP B 68 14.34 22.54 -3.24
N GLN B 69 14.57 21.67 -2.26
CA GLN B 69 15.71 20.72 -2.30
C GLN B 69 15.26 19.41 -2.95
N TYR B 70 14.04 19.35 -3.49
CA TYR B 70 13.47 18.13 -4.08
C TYR B 70 14.35 17.67 -5.25
N PRO B 71 14.71 16.38 -5.40
CA PRO B 71 14.37 15.33 -4.45
C PRO B 71 15.38 15.02 -3.31
N PHE B 72 16.69 15.17 -3.53
CA PHE B 72 17.73 14.60 -2.64
C PHE B 72 18.73 15.66 -2.17
N GLY B 73 18.29 16.92 -2.07
CA GLY B 73 19.12 18.04 -1.58
C GLY B 73 19.38 17.95 -0.09
N MET B 74 18.55 17.19 0.65
CA MET B 74 18.69 17.02 2.12
C MET B 74 19.39 15.69 2.44
N LEU B 75 19.91 14.99 1.42
CA LEU B 75 20.45 13.60 1.57
C LEU B 75 21.90 13.63 2.10
N ALA B 76 22.18 12.97 3.23
CA ALA B 76 23.48 13.00 3.94
C ALA B 76 24.26 11.70 3.76
N VAL B 77 23.64 10.66 3.20
CA VAL B 77 24.29 9.33 2.99
C VAL B 77 24.22 9.00 1.49
N GLY B 78 25.03 8.04 1.05
CA GLY B 78 24.88 7.43 -0.29
C GLY B 78 23.50 6.81 -0.44
N ARG B 79 22.94 6.87 -1.64
CA ARG B 79 21.60 6.30 -1.96
C ARG B 79 21.58 4.79 -1.68
N GLU B 80 22.73 4.12 -1.77
CA GLU B 80 22.88 2.66 -1.44
C GLU B 80 22.38 2.39 -0.01
N HIS B 81 22.52 3.34 0.91
CA HIS B 81 22.12 3.21 2.33
C HIS B 81 20.63 3.49 2.58
N LEU B 82 19.88 4.06 1.61
CA LEU B 82 18.43 4.30 1.82
C LEU B 82 17.70 2.95 1.78
N ALA B 83 16.72 2.79 2.68
CA ALA B 83 15.74 1.69 2.69
C ALA B 83 14.47 2.08 1.92
N THR B 84 13.83 3.21 2.28
CA THR B 84 12.56 3.65 1.64
C THR B 84 12.62 5.17 1.37
N TYR B 85 11.85 5.61 0.37
CA TYR B 85 11.63 7.01 -0.02
C TYR B 85 10.14 7.31 0.11
N HIS B 86 9.80 8.52 0.56
CA HIS B 86 8.40 8.94 0.82
C HIS B 86 8.17 10.36 0.33
N GLU B 87 6.90 10.68 0.01
CA GLU B 87 6.44 12.08 -0.19
C GLU B 87 5.27 12.36 0.75
N SER B 88 5.16 13.60 1.22
CA SER B 88 4.10 14.01 2.17
C SER B 88 2.77 14.12 1.41
N SER B 89 1.67 14.00 2.12
CA SER B 89 0.31 14.37 1.68
C SER B 89 0.28 15.88 1.34
N GLY B 90 -0.88 16.38 0.90
CA GLY B 90 -1.04 17.80 0.50
C GLY B 90 -0.82 17.96 -0.99
N THR B 91 -0.40 19.15 -1.42
CA THR B 91 -0.19 19.55 -2.83
C THR B 91 0.68 18.50 -3.55
N ALA B 92 0.19 17.97 -4.67
CA ALA B 92 0.94 17.06 -5.58
C ALA B 92 1.93 17.88 -6.40
N GLY B 93 1.64 19.16 -6.64
CA GLY B 93 2.44 20.06 -7.50
C GLY B 93 3.79 20.38 -6.88
N GLU B 94 3.87 20.39 -5.54
CA GLU B 94 5.07 20.78 -4.75
C GLU B 94 5.40 19.68 -3.73
N PRO B 95 5.97 18.55 -4.19
CA PRO B 95 6.24 17.42 -3.30
C PRO B 95 7.28 17.71 -2.21
N THR B 96 7.05 17.16 -1.01
CA THR B 96 8.06 17.09 0.08
C THR B 96 8.62 15.67 0.15
N ALA B 97 9.86 15.48 -0.30
CA ALA B 97 10.55 14.16 -0.26
C ALA B 97 11.09 13.92 1.16
N SER B 98 11.02 12.68 1.62
CA SER B 98 11.79 12.23 2.81
C SER B 98 12.20 10.77 2.58
N TYR B 99 13.21 10.31 3.31
CA TYR B 99 13.85 9.01 3.06
C TYR B 99 14.64 8.60 4.30
N TYR B 100 14.84 7.29 4.43
CA TYR B 100 15.21 6.65 5.70
C TYR B 100 16.08 5.42 5.41
N THR B 101 17.17 5.27 6.17
CA THR B 101 17.97 4.03 6.26
C THR B 101 17.18 3.01 7.08
N GLU B 102 17.64 1.77 7.10
CA GLU B 102 17.12 0.70 8.01
C GLU B 102 17.20 1.18 9.46
N GLU B 103 18.31 1.80 9.84
CA GLU B 103 18.56 2.26 11.24
C GLU B 103 17.59 3.41 11.55
N ASP B 104 17.39 4.32 10.60
CA ASP B 104 16.36 5.39 10.74
C ASP B 104 15.00 4.73 11.01
N TRP B 105 14.71 3.63 10.31
CA TRP B 105 13.40 2.95 10.42
C TRP B 105 13.20 2.35 11.82
N THR B 106 14.25 1.88 12.48
CA THR B 106 14.10 1.35 13.87
C THR B 106 13.61 2.47 14.79
N ASP B 107 14.18 3.67 14.70
CA ASP B 107 13.74 4.83 15.52
C ASP B 107 12.26 5.11 15.20
N LEU B 108 11.89 5.21 13.91
CA LEU B 108 10.50 5.50 13.49
C LEU B 108 9.54 4.47 14.12
N ALA B 109 9.83 3.19 13.93
CA ALA B 109 8.97 2.09 14.40
C ALA B 109 8.81 2.14 15.93
N GLU B 110 9.91 2.37 16.66
CA GLU B 110 9.88 2.43 18.14
C GLU B 110 8.96 3.56 18.59
N ARG B 111 9.06 4.74 17.95
CA ARG B 111 8.23 5.92 18.31
C ARG B 111 6.75 5.63 18.07
N PHE B 112 6.39 5.05 16.92
CA PHE B 112 4.97 4.71 16.64
C PHE B 112 4.48 3.73 17.71
N ALA B 113 5.33 2.74 18.04
CA ALA B 113 5.00 1.61 18.96
C ALA B 113 4.85 2.09 20.41
N ARG B 114 5.13 3.35 20.74
CA ARG B 114 4.86 3.92 22.09
C ARG B 114 3.34 4.18 22.24
N LYS B 115 2.55 3.11 22.19
CA LYS B 115 1.08 3.15 22.36
C LYS B 115 0.81 2.63 23.77
N TRP B 116 0.23 3.46 24.65
CA TRP B 116 0.05 3.15 26.08
C TRP B 116 -0.79 1.88 26.26
N THR B 117 -1.59 1.49 25.28
CA THR B 117 -2.40 0.24 25.31
C THR B 117 -1.53 -0.99 25.02
N GLY B 118 -0.31 -0.79 24.52
CA GLY B 118 0.57 -1.87 24.06
C GLY B 118 0.22 -2.33 22.66
N ILE B 119 1.22 -2.88 21.95
CA ILE B 119 1.06 -3.74 20.76
C ILE B 119 1.77 -5.07 21.09
N HIS B 120 1.03 -6.17 21.03
CA HIS B 120 1.48 -7.52 21.45
C HIS B 120 1.34 -8.50 20.27
N PRO B 121 2.16 -9.58 20.25
CA PRO B 121 2.03 -10.61 19.22
C PRO B 121 0.64 -11.24 19.08
N SER B 122 -0.15 -11.23 20.15
CA SER B 122 -1.54 -11.75 20.17
C SER B 122 -2.50 -10.76 19.49
N ASP B 123 -2.08 -9.53 19.18
CA ASP B 123 -2.95 -8.54 18.49
C ASP B 123 -3.04 -8.86 16.99
N THR B 124 -4.23 -8.65 16.42
CA THR B 124 -4.48 -8.54 14.96
C THR B 124 -4.73 -7.06 14.66
N PHE B 125 -3.84 -6.48 13.86
CA PHE B 125 -3.68 -5.02 13.68
C PHE B 125 -4.08 -4.65 12.25
N LEU B 126 -5.24 -3.99 12.09
CA LEU B 126 -5.73 -3.53 10.77
C LEU B 126 -5.12 -2.15 10.47
N VAL B 127 -4.24 -2.09 9.48
CA VAL B 127 -3.63 -0.80 9.03
C VAL B 127 -4.50 -0.24 7.91
N ARG B 128 -5.27 0.80 8.22
CA ARG B 128 -6.26 1.40 7.29
C ARG B 128 -5.86 2.85 7.03
N THR B 129 -4.63 3.03 6.56
CA THR B 129 -4.09 4.32 6.06
C THR B 129 -3.35 4.03 4.76
N PRO B 130 -3.08 5.05 3.93
CA PRO B 130 -2.46 4.81 2.63
C PRO B 130 -1.01 4.29 2.70
N TYR B 131 -0.65 3.46 1.73
CA TYR B 131 0.73 2.99 1.49
C TYR B 131 1.35 3.67 0.27
N GLY B 132 0.60 4.52 -0.42
CA GLY B 132 1.03 5.23 -1.64
C GLY B 132 1.86 6.44 -1.33
N LEU B 133 3.19 6.30 -1.43
CA LEU B 133 4.26 7.33 -1.21
C LEU B 133 4.31 7.80 0.25
N VAL B 134 3.17 8.07 0.88
CA VAL B 134 3.12 8.53 2.29
C VAL B 134 3.68 7.43 3.19
N ILE B 135 4.18 7.81 4.36
CA ILE B 135 4.81 6.85 5.30
C ILE B 135 3.75 6.12 6.14
N THR B 136 2.56 6.70 6.33
CA THR B 136 1.62 6.27 7.40
C THR B 136 1.37 4.76 7.42
N GLY B 137 0.96 4.13 6.30
CA GLY B 137 0.73 2.67 6.27
C GLY B 137 1.99 1.87 6.61
N HIS B 138 3.12 2.26 6.04
CA HIS B 138 4.45 1.62 6.24
C HIS B 138 4.85 1.76 7.72
N LEU B 139 4.62 2.93 8.30
CA LEU B 139 5.01 3.21 9.70
C LEU B 139 4.27 2.24 10.63
N ALA B 140 2.95 2.13 10.49
CA ALA B 140 2.12 1.25 11.36
C ALA B 140 2.54 -0.21 11.16
N GLN B 141 2.77 -0.59 9.92
CA GLN B 141 3.12 -2.01 9.60
C GLN B 141 4.48 -2.32 10.23
N ALA B 142 5.44 -1.40 10.18
CA ALA B 142 6.79 -1.59 10.74
C ALA B 142 6.72 -1.70 12.26
N ALA B 143 5.92 -0.87 12.93
CA ALA B 143 5.68 -0.97 14.37
C ALA B 143 5.03 -2.32 14.69
N GLY B 144 4.06 -2.74 13.88
CA GLY B 144 3.40 -4.06 14.02
C GLY B 144 4.39 -5.21 13.94
N ARG B 145 5.31 -5.16 12.98
CA ARG B 145 6.41 -6.14 12.77
C ARG B 145 7.33 -6.08 13.99
N LEU B 146 7.76 -4.87 14.41
CA LEU B 146 8.65 -4.71 15.57
C LEU B 146 8.08 -5.47 16.77
N ARG B 147 6.76 -5.39 17.00
CA ARG B 147 6.13 -5.93 18.23
C ARG B 147 5.48 -7.30 18.00
N GLY B 148 5.50 -7.83 16.78
CA GLY B 148 5.05 -9.22 16.48
C GLY B 148 3.55 -9.32 16.20
N ALA B 149 2.83 -8.21 16.12
CA ALA B 149 1.37 -8.19 15.87
C ALA B 149 1.12 -8.72 14.47
N THR B 150 0.02 -9.46 14.29
CA THR B 150 -0.44 -9.85 12.94
C THR B 150 -0.95 -8.59 12.23
N VAL B 151 -0.27 -8.15 11.18
CA VAL B 151 -0.67 -6.95 10.41
C VAL B 151 -1.56 -7.38 9.24
N VAL B 152 -2.74 -6.76 9.16
CA VAL B 152 -3.69 -6.83 8.02
C VAL B 152 -3.53 -5.53 7.26
N PRO B 153 -2.88 -5.52 6.07
CA PRO B 153 -2.70 -4.29 5.33
C PRO B 153 -4.01 -3.91 4.62
N GLY B 154 -4.82 -3.09 5.28
CA GLY B 154 -6.08 -2.57 4.71
C GLY B 154 -5.81 -1.55 3.62
N ASP B 155 -4.72 -0.79 3.73
CA ASP B 155 -4.45 0.38 2.84
C ASP B 155 -5.69 1.28 3.00
N ALA B 156 -5.71 2.44 2.37
CA ALA B 156 -6.85 3.38 2.36
C ALA B 156 -6.80 4.08 1.02
N ARG B 157 -7.96 4.49 0.48
CA ARG B 157 -8.05 5.25 -0.79
C ARG B 157 -7.67 4.33 -1.96
N SER B 158 -7.81 3.03 -1.76
CA SER B 158 -7.52 1.96 -2.74
C SER B 158 -8.81 1.26 -3.15
N LEU B 159 -8.96 0.98 -4.44
CA LEU B 159 -10.11 0.23 -4.99
C LEU B 159 -10.12 -1.22 -4.47
N ALA B 160 -8.98 -1.75 -4.03
CA ALA B 160 -8.86 -3.14 -3.54
C ALA B 160 -9.61 -3.33 -2.21
N THR B 161 -9.78 -2.28 -1.40
CA THR B 161 -10.22 -2.43 0.01
C THR B 161 -11.30 -1.41 0.33
N PRO B 162 -12.52 -1.58 -0.23
CA PRO B 162 -13.65 -0.76 0.17
C PRO B 162 -14.06 -1.08 1.62
N LEU B 163 -14.81 -0.16 2.22
CA LEU B 163 -15.27 -0.22 3.63
C LEU B 163 -16.01 -1.53 3.91
N SER B 164 -16.86 -2.02 2.99
CA SER B 164 -17.62 -3.27 3.20
C SER B 164 -16.62 -4.36 3.53
N ARG B 165 -15.51 -4.39 2.80
CA ARG B 165 -14.51 -5.48 2.95
C ARG B 165 -13.77 -5.29 4.29
N MET B 166 -13.54 -4.04 4.69
CA MET B 166 -12.84 -3.75 5.97
C MET B 166 -13.76 -4.14 7.14
N VAL B 167 -15.08 -3.89 7.06
CA VAL B 167 -16.05 -4.30 8.12
C VAL B 167 -16.00 -5.83 8.27
N ARG B 168 -16.04 -6.54 7.16
CA ARG B 168 -16.01 -8.03 7.14
C ARG B 168 -14.73 -8.51 7.85
N VAL B 169 -13.58 -7.91 7.54
CA VAL B 169 -12.24 -8.25 8.11
C VAL B 169 -12.25 -7.97 9.63
N LEU B 170 -12.69 -6.77 10.03
CA LEU B 170 -12.81 -6.37 11.47
C LEU B 170 -13.52 -7.48 12.25
N LYS B 171 -14.64 -7.94 11.72
CA LYS B 171 -15.55 -8.89 12.40
C LYS B 171 -14.95 -10.31 12.36
N THR B 172 -14.65 -10.83 11.17
CA THR B 172 -14.36 -12.28 10.94
C THR B 172 -12.92 -12.62 11.36
N LEU B 173 -12.00 -11.64 11.38
CA LEU B 173 -10.60 -11.88 11.82
C LEU B 173 -10.43 -11.54 13.30
N ASP B 174 -11.47 -11.09 14.00
CA ASP B 174 -11.35 -10.72 15.44
C ASP B 174 -10.25 -9.66 15.60
N VAL B 175 -10.26 -8.62 14.76
CA VAL B 175 -9.22 -7.55 14.79
C VAL B 175 -9.26 -6.93 16.18
N THR B 176 -8.09 -6.73 16.79
CA THR B 176 -7.92 -6.17 18.15
C THR B 176 -7.49 -4.69 18.10
N LEU B 177 -6.78 -4.28 17.06
CA LEU B 177 -6.24 -2.88 16.93
C LEU B 177 -6.50 -2.39 15.50
N THR B 178 -6.81 -1.11 15.35
CA THR B 178 -6.91 -0.41 14.06
C THR B 178 -5.99 0.81 14.10
N TRP B 179 -5.57 1.24 12.92
CA TRP B 179 -4.85 2.50 12.64
C TRP B 179 -5.55 3.15 11.46
N CYS B 180 -6.10 4.34 11.66
CA CYS B 180 -6.80 5.10 10.61
C CYS B 180 -7.11 6.48 11.14
N ASN B 181 -7.37 7.43 10.25
N ASN B 181 -7.38 7.42 10.22
CA ASN B 181 -7.65 8.83 10.67
CA ASN B 181 -7.75 8.83 10.51
C ASN B 181 -9.02 8.82 11.34
C ASN B 181 -9.06 8.82 11.31
N PRO B 182 -9.36 9.87 12.12
CA PRO B 182 -10.64 9.89 12.86
C PRO B 182 -11.90 9.88 11.98
N THR B 183 -11.84 10.43 10.78
CA THR B 183 -12.97 10.40 9.80
C THR B 183 -13.19 8.93 9.38
N GLU B 184 -12.11 8.16 9.25
CA GLU B 184 -12.19 6.74 8.85
C GLU B 184 -12.86 5.92 9.97
N ILE B 185 -12.64 6.31 11.24
CA ILE B 185 -13.29 5.65 12.40
C ILE B 185 -14.82 5.75 12.23
N THR B 186 -15.35 6.93 11.89
CA THR B 186 -16.81 7.12 11.69
C THR B 186 -17.26 6.43 10.39
N MET B 187 -16.48 6.49 9.32
CA MET B 187 -16.81 5.80 8.04
C MET B 187 -16.95 4.29 8.31
N LEU B 188 -16.03 3.68 9.06
CA LEU B 188 -16.09 2.23 9.43
C LEU B 188 -17.35 1.96 10.27
N ALA B 189 -17.70 2.86 11.18
CA ALA B 189 -18.92 2.72 12.02
C ALA B 189 -20.16 2.74 11.12
N ALA B 190 -20.22 3.66 10.15
CA ALA B 190 -21.38 3.78 9.23
C ALA B 190 -21.44 2.54 8.33
N ALA B 191 -20.29 2.00 7.91
CA ALA B 191 -20.23 0.78 7.06
C ALA B 191 -20.69 -0.42 7.88
N ALA B 192 -20.28 -0.50 9.15
CA ALA B 192 -20.73 -1.55 10.09
C ALA B 192 -22.26 -1.54 10.18
N LYS B 193 -22.87 -0.39 10.46
CA LYS B 193 -24.34 -0.25 10.60
C LYS B 193 -25.01 -0.67 9.29
N ALA B 194 -24.48 -0.25 8.14
CA ALA B 194 -25.00 -0.61 6.80
C ALA B 194 -24.97 -2.13 6.59
N ALA B 195 -24.03 -2.86 7.19
CA ALA B 195 -23.92 -4.34 7.08
C ALA B 195 -24.77 -5.02 8.16
N GLY B 196 -25.45 -4.25 9.01
CA GLY B 196 -26.33 -4.77 10.09
C GLY B 196 -25.58 -5.11 11.36
N LEU B 197 -24.43 -4.48 11.60
CA LEU B 197 -23.59 -4.70 12.83
C LEU B 197 -23.53 -3.41 13.65
N ARG B 198 -23.64 -3.58 14.97
CA ARG B 198 -23.53 -2.48 15.96
C ARG B 198 -22.06 -2.28 16.31
N PRO B 199 -21.44 -1.14 15.96
CA PRO B 199 -20.06 -0.88 16.34
C PRO B 199 -19.80 -1.00 17.86
N ASP B 200 -20.82 -0.74 18.69
CA ASP B 200 -20.65 -0.69 20.17
C ASP B 200 -20.82 -2.08 20.80
N GLN B 201 -21.19 -3.11 20.04
CA GLN B 201 -21.43 -4.47 20.62
C GLN B 201 -20.86 -5.62 19.76
N ASP B 202 -20.86 -5.50 18.43
CA ASP B 202 -20.65 -6.67 17.54
C ASP B 202 -19.15 -6.87 17.22
N PHE B 203 -18.24 -6.12 17.84
CA PHE B 203 -16.78 -6.25 17.63
C PHE B 203 -16.10 -6.40 18.98
N PRO B 204 -16.41 -7.47 19.75
CA PRO B 204 -15.91 -7.61 21.13
C PRO B 204 -14.39 -7.83 21.28
N HIS B 205 -13.69 -8.24 20.21
CA HIS B 205 -12.21 -8.39 20.24
C HIS B 205 -11.50 -7.05 20.05
N LEU B 206 -12.20 -6.04 19.52
CA LEU B 206 -11.57 -4.74 19.21
C LEU B 206 -11.27 -4.03 20.53
N ARG B 207 -9.98 -3.84 20.89
CA ARG B 207 -9.60 -3.34 22.25
C ARG B 207 -9.02 -1.92 22.17
N ALA B 208 -8.61 -1.42 21.00
CA ALA B 208 -8.15 -0.01 20.86
C ALA B 208 -8.15 0.42 19.39
N MET B 209 -8.28 1.73 19.17
CA MET B 209 -8.22 2.37 17.84
C MET B 209 -7.14 3.45 17.90
N PHE B 210 -6.11 3.33 17.06
CA PHE B 210 -4.98 4.28 16.95
C PHE B 210 -5.33 5.26 15.84
N THR B 211 -5.04 6.54 16.03
CA THR B 211 -5.49 7.57 15.07
C THR B 211 -4.49 8.72 15.12
N ALA B 212 -4.51 9.54 14.06
CA ALA B 212 -3.66 10.73 13.86
C ALA B 212 -4.19 11.48 12.64
N ALA B 213 -3.48 12.50 12.20
CA ALA B 213 -3.56 13.10 10.85
C ALA B 213 -4.56 14.26 10.80
N GLU B 214 -5.54 14.34 11.71
CA GLU B 214 -6.49 15.48 11.81
C GLU B 214 -6.44 16.08 13.21
N PRO B 215 -6.72 17.39 13.32
CA PRO B 215 -7.07 18.00 14.60
C PRO B 215 -8.27 17.26 15.21
N LEU B 216 -8.13 16.81 16.45
CA LEU B 216 -9.11 15.92 17.10
C LEU B 216 -9.39 16.50 18.49
N THR B 217 -10.59 17.05 18.68
CA THR B 217 -11.03 17.58 19.99
C THR B 217 -11.28 16.38 20.90
N GLU B 218 -11.20 16.61 22.21
CA GLU B 218 -11.54 15.60 23.25
C GLU B 218 -13.01 15.19 23.04
N VAL B 219 -13.88 16.12 22.65
CA VAL B 219 -15.35 15.87 22.51
C VAL B 219 -15.55 14.82 21.42
N ARG B 220 -14.95 15.01 20.25
CA ARG B 220 -15.06 14.04 19.13
C ARG B 220 -14.39 12.72 19.50
N ARG B 221 -13.19 12.75 20.09
CA ARG B 221 -12.44 11.53 20.47
C ARG B 221 -13.33 10.69 21.40
N ARG B 222 -13.97 11.29 22.38
CA ARG B 222 -14.85 10.58 23.34
C ARG B 222 -16.04 9.99 22.59
N ARG B 223 -16.61 10.71 21.62
CA ARG B 223 -17.74 10.18 20.82
C ARG B 223 -17.27 8.99 19.98
N LEU B 224 -16.09 9.07 19.34
CA LEU B 224 -15.54 7.94 18.54
C LEU B 224 -15.38 6.69 19.43
N SER B 225 -14.83 6.88 20.64
CA SER B 225 -14.68 5.82 21.66
C SER B 225 -16.05 5.17 21.94
N GLU B 226 -17.06 6.00 22.24
CA GLU B 226 -18.45 5.61 22.60
C GLU B 226 -19.10 4.85 21.44
N ILE B 227 -18.94 5.32 20.20
CA ILE B 227 -19.51 4.64 19.00
C ILE B 227 -19.00 3.19 18.96
N TRP B 228 -17.73 2.97 19.33
CA TRP B 228 -17.07 1.64 19.26
C TRP B 228 -17.06 0.95 20.63
N GLY B 229 -18.00 1.29 21.51
CA GLY B 229 -18.28 0.56 22.78
C GLY B 229 -17.44 1.05 23.94
N GLY B 230 -16.81 2.23 23.85
CA GLY B 230 -16.07 2.86 24.96
C GLY B 230 -14.62 2.39 25.05
N ILE B 231 -14.08 1.80 23.97
CA ILE B 231 -12.64 1.40 23.90
C ILE B 231 -11.77 2.65 23.72
N PRO B 232 -10.48 2.57 24.10
CA PRO B 232 -9.55 3.68 23.91
C PRO B 232 -9.36 4.10 22.44
N VAL B 233 -9.37 5.40 22.20
CA VAL B 233 -8.93 6.04 20.93
C VAL B 233 -7.61 6.74 21.22
N VAL B 234 -6.53 6.16 20.71
CA VAL B 234 -5.12 6.51 21.08
C VAL B 234 -4.54 7.36 19.95
N GLU B 235 -4.35 8.64 20.22
CA GLU B 235 -3.91 9.64 19.25
C GLU B 235 -2.39 9.72 19.24
N GLU B 236 -1.83 9.94 18.07
CA GLU B 236 -0.43 10.38 17.95
C GLU B 236 -0.41 11.55 16.97
N TYR B 237 0.71 12.24 16.97
CA TYR B 237 1.01 13.43 16.15
C TYR B 237 2.33 13.14 15.45
N GLY B 238 2.34 13.27 14.12
CA GLY B 238 3.53 13.06 13.29
C GLY B 238 3.38 13.67 11.92
N SER B 239 4.35 13.38 11.08
CA SER B 239 4.43 13.84 9.68
C SER B 239 5.32 12.83 8.94
N THR B 240 5.19 12.78 7.63
CA THR B 240 6.00 11.91 6.75
C THR B 240 7.47 12.24 6.98
N GLU B 241 7.83 13.53 7.10
CA GLU B 241 9.24 13.94 7.08
C GLU B 241 9.87 13.86 8.46
N THR B 242 9.08 13.65 9.55
CA THR B 242 9.60 13.59 10.94
C THR B 242 9.34 12.21 11.59
N GLY B 243 8.32 11.49 11.15
CA GLY B 243 7.73 10.37 11.91
C GLY B 243 6.89 10.89 13.07
N THR B 244 6.52 9.99 13.97
CA THR B 244 5.74 10.24 15.19
C THR B 244 6.57 11.11 16.14
N ILE B 245 6.06 12.29 16.49
CA ILE B 245 6.75 13.20 17.43
C ILE B 245 6.02 13.30 18.77
N ALA B 246 4.78 12.85 18.88
CA ALA B 246 4.07 12.85 20.18
C ALA B 246 3.02 11.75 20.19
N GLY B 247 2.75 11.21 21.38
CA GLY B 247 1.81 10.09 21.55
C GLY B 247 1.03 10.26 22.82
N GLN B 248 -0.20 9.75 22.80
CA GLN B 248 -1.17 9.85 23.91
C GLN B 248 -0.68 9.03 25.12
N CYS B 249 -0.89 9.55 26.32
CA CYS B 249 -0.74 8.81 27.60
C CYS B 249 -2.12 8.31 28.03
N PRO B 250 -2.25 7.49 29.09
CA PRO B 250 -3.56 7.05 29.56
C PRO B 250 -4.53 8.17 29.96
N GLU B 251 -4.05 9.38 30.25
CA GLU B 251 -4.91 10.52 30.71
C GLU B 251 -5.45 11.31 29.52
N GLY B 252 -5.05 10.97 28.29
CA GLY B 252 -5.69 11.49 27.06
C GLY B 252 -4.95 12.68 26.48
N ARG B 253 -3.77 13.02 27.02
CA ARG B 253 -2.88 14.07 26.43
C ARG B 253 -1.79 13.42 25.57
N MET B 254 -1.35 14.13 24.54
CA MET B 254 -0.18 13.73 23.72
C MET B 254 1.09 14.31 24.35
N HIS B 255 2.10 13.46 24.56
CA HIS B 255 3.42 13.87 25.09
C HIS B 255 4.43 13.87 23.94
N LEU B 256 5.27 14.91 23.83
CA LEU B 256 6.38 14.99 22.86
C LEU B 256 7.43 13.93 23.19
N TRP B 257 7.91 13.20 22.18
CA TRP B 257 8.99 12.21 22.34
C TRP B 257 10.35 12.92 22.33
N ALA B 258 10.61 13.74 23.34
CA ALA B 258 11.78 14.65 23.44
C ALA B 258 13.10 13.86 23.60
N ASP B 259 13.05 12.59 23.96
CA ASP B 259 14.27 11.74 24.04
C ASP B 259 14.78 11.49 22.62
N ARG B 260 13.94 11.62 21.59
CA ARG B 260 14.27 11.26 20.19
C ARG B 260 14.41 12.52 19.31
N ALA B 261 14.06 13.69 19.84
CA ALA B 261 14.07 14.94 19.06
C ALA B 261 14.05 16.12 20.01
N ILE B 262 14.74 17.20 19.62
CA ILE B 262 14.66 18.52 20.32
C ILE B 262 13.47 19.28 19.74
N PHE B 263 12.51 19.62 20.61
CA PHE B 263 11.25 20.31 20.25
C PHE B 263 11.33 21.75 20.72
N GLU B 264 10.92 22.67 19.85
CA GLU B 264 10.95 24.12 20.12
C GLU B 264 9.67 24.72 19.52
N VAL B 265 9.16 25.77 20.17
CA VAL B 265 7.97 26.56 19.75
C VAL B 265 8.51 27.84 19.10
N TYR B 266 8.16 28.07 17.83
CA TYR B 266 8.66 29.20 17.01
C TYR B 266 7.57 30.26 17.01
N ASP B 267 7.91 31.48 17.45
CA ASP B 267 7.07 32.69 17.26
C ASP B 267 7.56 33.41 16.01
N PRO B 268 6.83 33.36 14.87
CA PRO B 268 7.35 33.91 13.62
C PRO B 268 7.52 35.44 13.62
N ARG B 269 6.70 36.17 14.38
CA ARG B 269 6.79 37.64 14.59
C ARG B 269 8.10 37.99 15.30
N THR B 270 8.34 37.37 16.45
CA THR B 270 9.53 37.52 17.33
C THR B 270 10.77 36.92 16.65
N GLY B 271 10.59 35.82 15.92
CA GLY B 271 11.68 35.03 15.32
C GLY B 271 12.43 34.20 16.37
N THR B 272 11.93 34.18 17.61
CA THR B 272 12.57 33.45 18.74
C THR B 272 11.99 32.03 18.86
N LEU B 273 12.75 31.17 19.51
CA LEU B 273 12.45 29.74 19.77
C LEU B 273 12.51 29.52 21.27
N SER B 274 11.44 29.00 21.87
CA SER B 274 11.41 28.62 23.30
C SER B 274 11.07 27.13 23.42
N GLU B 275 11.23 26.56 24.61
CA GLU B 275 10.98 25.13 24.90
C GLU B 275 9.46 24.87 24.98
N ALA B 276 8.63 25.88 25.27
CA ALA B 276 7.19 25.67 25.51
C ALA B 276 6.38 26.91 25.10
N GLY B 277 5.06 26.82 25.19
CA GLY B 277 4.10 27.89 24.89
C GLY B 277 3.39 27.68 23.56
N ARG B 278 2.79 28.75 23.03
CA ARG B 278 1.96 28.74 21.81
C ARG B 278 2.83 29.22 20.64
N GLY B 279 2.71 28.59 19.46
CA GLY B 279 3.50 28.94 18.26
C GLY B 279 3.63 27.74 17.34
N GLN B 280 4.65 27.73 16.49
CA GLN B 280 4.79 26.76 15.37
C GLN B 280 5.79 25.67 15.79
N MET B 281 5.42 24.40 15.55
N MET B 281 5.44 24.40 15.54
CA MET B 281 6.17 23.20 16.01
CA MET B 281 6.18 23.18 15.93
C MET B 281 7.50 23.10 15.24
C MET B 281 7.52 23.12 15.21
N VAL B 282 8.62 23.24 15.95
CA VAL B 282 9.99 23.06 15.38
C VAL B 282 10.59 21.78 15.98
N VAL B 283 11.25 20.98 15.14
CA VAL B 283 11.75 19.62 15.45
C VAL B 283 13.20 19.49 14.96
N THR B 284 14.10 19.02 15.82
CA THR B 284 15.45 18.50 15.44
C THR B 284 15.50 17.01 15.81
N PRO B 285 15.23 16.08 14.88
CA PRO B 285 15.33 14.65 15.17
C PRO B 285 16.79 14.26 15.50
N LEU B 286 17.00 13.39 16.48
CA LEU B 286 18.36 13.09 16.99
C LEU B 286 18.91 11.77 16.41
N TYR B 287 18.06 10.87 15.94
CA TYR B 287 18.48 9.51 15.51
C TYR B 287 18.05 9.26 14.06
N ARG B 288 18.54 10.08 13.14
CA ARG B 288 18.42 9.82 11.69
C ARG B 288 19.75 10.11 10.97
N ASP B 289 20.09 9.26 10.00
CA ASP B 289 21.33 9.36 9.19
C ASP B 289 21.00 9.95 7.82
N ALA B 290 19.91 9.51 7.17
CA ALA B 290 19.70 9.76 5.73
C ALA B 290 19.38 11.24 5.48
N MET B 291 18.47 11.81 6.28
N MET B 291 18.43 11.80 6.26
CA MET B 291 17.86 13.14 6.02
CA MET B 291 17.89 13.16 5.99
C MET B 291 17.91 13.99 7.28
C MET B 291 17.92 14.00 7.26
N PRO B 292 19.12 14.44 7.71
CA PRO B 292 19.23 15.28 8.88
C PRO B 292 18.37 16.54 8.73
N LEU B 293 17.65 16.90 9.79
CA LEU B 293 16.87 18.17 9.87
C LEU B 293 17.33 18.92 11.12
N LEU B 294 17.69 20.19 10.92
CA LEU B 294 18.06 21.14 12.00
C LEU B 294 16.96 22.19 12.11
N ARG B 295 16.20 22.11 13.22
CA ARG B 295 15.09 23.03 13.58
C ARG B 295 14.15 23.15 12.38
N TYR B 296 13.62 22.02 11.92
CA TYR B 296 12.58 21.95 10.89
C TYR B 296 11.26 22.49 11.45
N ASN B 297 10.71 23.54 10.84
CA ASN B 297 9.39 24.11 11.21
C ASN B 297 8.30 23.34 10.46
N LEU B 298 7.60 22.42 11.13
CA LEU B 298 6.41 21.70 10.59
C LEU B 298 5.33 22.71 10.22
N ALA B 299 5.37 23.88 10.87
CA ALA B 299 4.45 25.02 10.70
C ALA B 299 3.03 24.63 11.16
N ASP B 300 2.90 23.64 12.04
CA ASP B 300 1.62 23.42 12.77
C ASP B 300 1.58 24.42 13.93
N ASP B 301 0.41 25.01 14.14
CA ASP B 301 0.07 25.82 15.34
C ASP B 301 -0.10 24.84 16.51
N VAL B 302 0.71 24.99 17.55
CA VAL B 302 0.70 24.06 18.73
C VAL B 302 0.79 24.86 20.02
N GLU B 303 0.26 24.27 21.10
CA GLU B 303 0.52 24.68 22.50
C GLU B 303 1.28 23.56 23.20
N VAL B 304 2.53 23.81 23.60
CA VAL B 304 3.40 22.87 24.37
C VAL B 304 3.39 23.33 25.82
N SER B 305 3.10 22.42 26.77
CA SER B 305 3.17 22.67 28.24
C SER B 305 4.16 21.71 28.90
N THR B 306 4.94 22.21 29.86
CA THR B 306 5.84 21.42 30.74
C THR B 306 5.15 21.08 32.07
N ASP B 307 3.87 21.43 32.22
CA ASP B 307 3.08 21.15 33.45
C ASP B 307 2.94 19.64 33.59
N PRO B 308 3.16 19.06 34.79
CA PRO B 308 3.12 17.61 34.93
C PRO B 308 1.72 17.07 34.61
N CYS B 309 1.64 15.88 34.01
CA CYS B 309 0.39 15.15 33.68
C CYS B 309 0.19 14.09 34.79
N GLY B 310 -1.08 13.70 35.01
CA GLY B 310 -1.50 12.56 35.85
C GLY B 310 -0.83 11.25 35.44
N CYS B 311 -0.36 11.11 34.18
CA CYS B 311 0.31 9.86 33.69
C CYS B 311 1.66 9.65 34.37
N GLY B 312 2.30 10.74 34.83
CA GLY B 312 3.63 10.70 35.49
C GLY B 312 4.77 10.68 34.49
N TRP B 313 4.48 10.62 33.18
CA TRP B 313 5.52 10.67 32.11
C TRP B 313 6.27 12.00 32.22
N LEU B 314 7.61 11.96 32.20
CA LEU B 314 8.43 13.19 32.36
C LEU B 314 8.71 13.77 30.98
N LEU B 315 7.64 14.20 30.31
CA LEU B 315 7.68 14.76 28.94
C LEU B 315 6.63 15.86 28.84
N PRO B 316 6.93 16.95 28.10
CA PRO B 316 5.94 17.99 27.85
C PRO B 316 4.77 17.44 27.04
N THR B 317 3.61 18.08 27.18
CA THR B 317 2.40 17.75 26.41
C THR B 317 2.28 18.75 25.25
N VAL B 318 1.49 18.38 24.26
CA VAL B 318 1.26 19.21 23.06
C VAL B 318 -0.20 19.01 22.63
N THR B 319 -0.92 20.12 22.48
CA THR B 319 -2.17 20.25 21.71
C THR B 319 -1.80 20.79 20.32
N VAL B 320 -2.39 20.19 19.28
CA VAL B 320 -2.18 20.62 17.87
C VAL B 320 -3.45 21.34 17.41
N LEU B 321 -3.35 22.66 17.23
CA LEU B 321 -4.52 23.54 16.94
C LEU B 321 -4.86 23.55 15.44
N GLY B 322 -4.16 22.78 14.59
CA GLY B 322 -4.26 22.89 13.13
C GLY B 322 -3.12 23.73 12.59
N ARG B 323 -3.06 23.94 11.28
CA ARG B 323 -2.01 24.76 10.63
C ARG B 323 -2.33 26.25 10.86
N HIS B 328 -11.03 31.48 10.33
CA HIS B 328 -12.13 32.23 9.63
C HIS B 328 -12.81 33.15 10.62
N ARG B 329 -13.03 34.40 10.23
CA ARG B 329 -13.75 35.40 11.03
C ARG B 329 -15.11 35.58 10.37
N ILE B 330 -16.18 35.54 11.17
CA ILE B 330 -17.57 35.87 10.74
C ILE B 330 -18.07 36.96 11.69
N GLY B 331 -18.06 38.21 11.21
CA GLY B 331 -17.99 39.41 12.05
C GLY B 331 -16.80 39.30 13.00
N PRO B 332 -16.99 39.54 14.32
CA PRO B 332 -15.89 39.52 15.28
C PRO B 332 -15.39 38.11 15.63
N ALA B 333 -16.30 37.12 15.57
CA ALA B 333 -16.11 35.74 16.07
C ALA B 333 -15.17 34.99 15.14
N THR B 334 -14.05 34.49 15.67
CA THR B 334 -13.21 33.47 14.99
C THR B 334 -13.98 32.15 15.08
N VAL B 335 -14.10 31.43 13.96
CA VAL B 335 -14.68 30.06 13.95
C VAL B 335 -13.62 29.13 13.37
N THR B 336 -13.29 28.14 14.18
CA THR B 336 -12.34 27.05 13.87
C THR B 336 -13.20 25.81 13.62
N GLN B 337 -12.67 24.86 12.84
CA GLN B 337 -13.19 23.47 12.76
C GLN B 337 -13.31 22.90 14.19
N GLN B 338 -12.30 23.12 15.03
CA GLN B 338 -12.24 22.62 16.43
C GLN B 338 -13.50 23.01 17.20
N ARG B 339 -13.87 24.29 17.20
CA ARG B 339 -15.02 24.78 18.02
C ARG B 339 -16.34 24.23 17.46
N LEU B 340 -16.52 24.21 16.15
CA LEU B 340 -17.75 23.67 15.52
C LEU B 340 -17.83 22.17 15.85
N GLU B 341 -16.71 21.47 15.76
CA GLU B 341 -16.61 20.00 15.99
C GLU B 341 -17.12 19.67 17.40
N GLU B 342 -16.74 20.46 18.42
CA GLU B 342 -17.14 20.25 19.83
C GLU B 342 -18.65 20.38 19.96
N LEU B 343 -19.27 21.26 19.17
CA LEU B 343 -20.74 21.48 19.20
C LEU B 343 -21.43 20.32 18.47
N VAL B 344 -20.95 19.96 17.27
CA VAL B 344 -21.57 18.85 16.47
C VAL B 344 -21.49 17.55 17.28
N PHE B 345 -20.35 17.25 17.90
CA PHE B 345 -20.16 15.94 18.59
C PHE B 345 -20.60 16.04 20.05
N SER B 346 -21.23 17.14 20.46
CA SER B 346 -21.95 17.28 21.76
C SER B 346 -23.42 16.89 21.60
N LEU B 347 -23.94 16.78 20.37
CA LEU B 347 -25.31 16.25 20.15
C LEU B 347 -25.36 14.85 20.75
N PRO B 348 -26.52 14.42 21.32
CA PRO B 348 -26.65 13.07 21.86
C PRO B 348 -26.27 12.00 20.82
N ALA B 349 -25.55 10.97 21.24
CA ALA B 349 -25.06 9.87 20.37
C ALA B 349 -26.25 9.18 19.65
N ALA B 350 -27.44 9.17 20.24
CA ALA B 350 -28.65 8.54 19.66
C ALA B 350 -29.08 9.24 18.36
N TYR B 351 -28.68 10.50 18.13
CA TYR B 351 -28.99 11.25 16.88
C TYR B 351 -28.16 10.74 15.69
N GLU B 352 -27.10 9.98 15.95
CA GLU B 352 -26.24 9.31 14.91
C GLU B 352 -25.68 10.37 13.96
N VAL B 353 -25.34 11.56 14.47
CA VAL B 353 -24.70 12.63 13.65
C VAL B 353 -23.19 12.41 13.70
N MET B 354 -22.59 12.11 12.55
CA MET B 354 -21.14 11.81 12.37
C MET B 354 -20.53 12.65 11.24
N PHE B 355 -21.30 12.88 10.19
CA PHE B 355 -20.85 13.47 8.91
C PHE B 355 -21.47 14.86 8.79
N TRP B 356 -20.60 15.85 8.64
CA TRP B 356 -21.03 17.26 8.58
C TRP B 356 -20.03 18.06 7.74
N ARG B 357 -20.40 19.28 7.40
CA ARG B 357 -19.49 20.23 6.72
C ARG B 357 -20.06 21.64 6.94
N ALA B 358 -19.18 22.63 6.94
CA ALA B 358 -19.53 24.05 7.15
C ALA B 358 -18.75 24.91 6.16
N LYS B 359 -19.35 26.03 5.74
CA LYS B 359 -18.70 27.07 4.92
C LYS B 359 -18.78 28.39 5.67
N ALA B 360 -17.63 29.00 5.92
CA ALA B 360 -17.51 30.35 6.53
C ALA B 360 -17.72 31.38 5.43
N HIS B 361 -18.91 31.96 5.34
CA HIS B 361 -19.19 33.18 4.54
C HIS B 361 -18.90 34.40 5.41
N PRO B 362 -18.59 35.58 4.82
CA PRO B 362 -18.38 36.81 5.61
C PRO B 362 -19.55 37.11 6.57
N ASP B 363 -20.77 36.76 6.19
CA ASP B 363 -22.02 37.17 6.87
C ASP B 363 -22.66 36.03 7.66
N VAL B 364 -22.35 34.76 7.37
CA VAL B 364 -23.17 33.61 7.87
C VAL B 364 -22.37 32.31 7.81
N LEU B 365 -22.58 31.43 8.78
CA LEU B 365 -22.02 30.06 8.79
C LEU B 365 -23.05 29.11 8.19
N GLU B 366 -22.74 28.56 7.02
CA GLU B 366 -23.55 27.50 6.36
C GLU B 366 -23.05 26.17 6.90
N LEU B 367 -23.94 25.38 7.51
CA LEU B 367 -23.56 24.07 8.10
C LEU B 367 -24.61 23.01 7.72
N GLU B 368 -24.13 21.89 7.18
CA GLU B 368 -24.95 20.72 6.76
C GLU B 368 -24.47 19.49 7.53
N PHE B 369 -25.37 18.60 7.89
CA PHE B 369 -25.03 17.30 8.52
C PHE B 369 -26.12 16.29 8.19
N GLU B 370 -25.72 15.02 8.15
CA GLU B 370 -26.62 13.85 7.98
C GLU B 370 -27.21 13.46 9.35
N ALA B 371 -28.51 13.24 9.37
CA ALA B 371 -29.24 12.65 10.50
C ALA B 371 -30.42 11.88 9.94
N PRO B 372 -30.75 10.70 10.51
CA PRO B 372 -32.02 10.01 10.21
C PRO B 372 -33.20 10.97 10.43
N GLU B 373 -34.27 10.79 9.66
CA GLU B 373 -35.45 11.70 9.58
C GLU B 373 -36.06 11.95 10.95
N PRO B 374 -36.28 10.95 11.85
CA PRO B 374 -36.97 11.20 13.11
C PRO B 374 -36.28 12.29 13.97
N VAL B 375 -34.95 12.36 13.93
CA VAL B 375 -34.16 13.18 14.90
C VAL B 375 -33.61 14.44 14.22
N ARG B 376 -33.74 14.55 12.91
CA ARG B 376 -33.07 15.60 12.09
C ARG B 376 -33.44 16.99 12.64
N GLN B 377 -34.72 17.24 12.91
CA GLN B 377 -35.23 18.60 13.29
C GLN B 377 -34.78 18.95 14.72
N ARG B 378 -34.85 18.00 15.65
CA ARG B 378 -34.24 18.11 17.00
C ARG B 378 -32.76 18.49 16.88
N ALA B 379 -31.99 17.75 16.07
CA ALA B 379 -30.54 17.95 15.88
C ALA B 379 -30.30 19.39 15.39
N VAL B 380 -31.04 19.83 14.36
CA VAL B 380 -30.88 21.17 13.75
C VAL B 380 -31.12 22.23 14.83
N LYS B 381 -32.17 22.07 15.62
CA LYS B 381 -32.59 23.01 16.70
C LYS B 381 -31.48 23.07 17.77
N GLU B 382 -31.05 21.91 18.29
CA GLU B 382 -30.04 21.83 19.39
C GLU B 382 -28.70 22.39 18.93
N LEU B 383 -28.26 22.07 17.70
CA LEU B 383 -26.97 22.61 17.17
C LEU B 383 -27.06 24.13 16.98
N GLY B 384 -28.21 24.63 16.52
CA GLY B 384 -28.49 26.08 16.39
C GLY B 384 -28.36 26.79 17.73
N ALA B 385 -28.99 26.27 18.79
CA ALA B 385 -28.91 26.81 20.17
C ALA B 385 -27.45 26.84 20.62
N ALA B 386 -26.71 25.75 20.37
CA ALA B 386 -25.31 25.59 20.82
C ALA B 386 -24.43 26.64 20.14
N LEU B 387 -24.67 26.93 18.86
CA LEU B 387 -23.90 27.95 18.09
C LEU B 387 -24.22 29.35 18.64
N ASP B 388 -25.50 29.63 18.94
CA ASP B 388 -25.96 30.91 19.53
C ASP B 388 -25.24 31.12 20.87
N ARG B 389 -25.24 30.12 21.76
CA ARG B 389 -24.66 30.21 23.13
C ARG B 389 -23.13 30.38 23.08
N GLU B 390 -22.44 29.68 22.18
CA GLU B 390 -20.97 29.46 22.25
C GLU B 390 -20.23 30.34 21.24
N LEU B 391 -20.86 30.73 20.13
CA LEU B 391 -20.18 31.43 19.01
C LEU B 391 -20.91 32.74 18.66
N GLY B 392 -22.25 32.76 18.79
CA GLY B 392 -23.08 33.94 18.51
C GLY B 392 -23.10 34.34 17.04
N VAL B 393 -22.62 33.48 16.14
CA VAL B 393 -22.59 33.77 14.68
C VAL B 393 -23.96 33.51 14.08
N PRO B 394 -24.39 34.28 13.05
CA PRO B 394 -25.55 33.93 12.26
C PRO B 394 -25.21 32.65 11.48
N HIS B 395 -26.18 31.74 11.37
CA HIS B 395 -25.99 30.40 10.78
C HIS B 395 -27.20 30.05 9.91
N ARG B 396 -26.96 29.23 8.89
CA ARG B 396 -28.01 28.46 8.17
C ARG B 396 -27.62 27.00 8.29
N ILE B 397 -28.31 26.26 9.17
CA ILE B 397 -28.06 24.83 9.47
C ILE B 397 -29.12 24.02 8.73
N THR B 398 -28.69 23.08 7.89
CA THR B 398 -29.55 22.19 7.08
C THR B 398 -29.26 20.74 7.44
N GLY B 399 -30.28 20.01 7.91
CA GLY B 399 -30.19 18.55 8.09
C GLY B 399 -30.39 17.84 6.77
N LEU B 400 -29.54 16.85 6.47
CA LEU B 400 -29.57 16.08 5.21
C LEU B 400 -29.96 14.63 5.50
N ALA B 401 -30.58 13.97 4.52
CA ALA B 401 -30.85 12.52 4.54
C ALA B 401 -29.53 11.78 4.54
N PRO B 402 -29.41 10.68 5.32
CA PRO B 402 -28.25 9.80 5.18
C PRO B 402 -28.06 9.40 3.70
N GLY B 403 -26.82 9.21 3.26
CA GLY B 403 -26.47 8.83 1.89
C GLY B 403 -26.28 10.03 0.98
N THR B 404 -26.38 11.27 1.51
CA THR B 404 -26.27 12.50 0.70
C THR B 404 -24.83 13.03 0.76
N LEU B 405 -24.18 13.04 1.93
CA LEU B 405 -22.75 13.42 2.07
C LEU B 405 -21.86 12.19 1.88
N VAL B 406 -22.24 11.08 2.51
CA VAL B 406 -21.51 9.77 2.42
C VAL B 406 -22.48 8.79 1.76
N PRO B 407 -22.30 8.53 0.44
CA PRO B 407 -23.26 7.72 -0.31
C PRO B 407 -23.26 6.28 0.19
N ALA B 408 -24.42 5.61 0.12
CA ALA B 408 -24.60 4.22 0.56
C ALA B 408 -23.56 3.32 -0.14
N GLU B 409 -23.14 3.66 -1.35
CA GLU B 409 -22.27 2.76 -2.14
C GLU B 409 -20.85 2.80 -1.55
N ALA B 410 -20.38 3.92 -1.02
CA ALA B 410 -19.11 3.99 -0.26
C ALA B 410 -19.16 2.97 0.89
N LEU B 411 -20.30 2.81 1.54
CA LEU B 411 -20.45 2.01 2.78
C LEU B 411 -20.66 0.53 2.44
N THR B 412 -21.27 0.22 1.30
CA THR B 412 -21.76 -1.16 1.01
C THR B 412 -21.18 -1.75 -0.28
N ALA B 413 -20.68 -0.95 -1.23
CA ALA B 413 -20.17 -1.51 -2.51
C ALA B 413 -19.12 -2.57 -2.20
N GLN B 414 -19.18 -3.69 -2.92
CA GLN B 414 -18.11 -4.71 -3.01
C GLN B 414 -17.42 -4.52 -4.37
N ARG B 415 -16.11 -4.66 -4.42
CA ARG B 415 -15.33 -4.49 -5.67
C ARG B 415 -14.39 -5.69 -5.82
N ASP B 416 -14.68 -6.56 -6.78
CA ASP B 416 -13.74 -7.60 -7.27
C ASP B 416 -12.38 -6.93 -7.54
N ILE B 417 -11.29 -7.62 -7.19
CA ILE B 417 -9.91 -7.20 -7.56
C ILE B 417 -9.58 -7.89 -8.87
N LEU B 418 -9.84 -7.20 -9.99
CA LEU B 418 -9.69 -7.76 -11.37
C LEU B 418 -8.26 -7.50 -11.88
N LYS B 419 -7.79 -8.38 -12.77
CA LYS B 419 -6.59 -8.21 -13.61
C LYS B 419 -7.06 -7.78 -14.99
N ALA B 420 -6.16 -7.22 -15.81
CA ALA B 420 -6.44 -6.89 -17.22
C ALA B 420 -6.82 -8.17 -17.98
N ARG B 421 -7.80 -8.08 -18.85
CA ARG B 421 -8.20 -9.13 -19.81
C ARG B 421 -8.44 -8.46 -21.16
N TYR B 422 -8.17 -9.16 -22.25
CA TYR B 422 -8.18 -8.57 -23.60
C TYR B 422 -9.23 -9.25 -24.48
N LEU B 423 -9.37 -10.58 -24.41
CA LEU B 423 -10.39 -11.34 -25.18
C LEU B 423 -11.54 -11.74 -24.26
N PHE B 424 -12.77 -11.42 -24.65
CA PHE B 424 -14.00 -11.67 -23.85
C PHE B 424 -14.95 -12.57 -24.64
N ALA B 425 -15.70 -13.39 -23.92
CA ALA B 425 -16.84 -14.16 -24.44
C ALA B 425 -18.01 -13.19 -24.64
N GLU B 426 -18.92 -13.51 -25.56
CA GLU B 426 -20.06 -12.66 -25.97
C GLU B 426 -20.79 -12.09 -24.75
N ASP B 427 -20.98 -12.91 -23.70
CA ASP B 427 -21.85 -12.61 -22.53
C ASP B 427 -21.10 -11.82 -21.44
N GLU B 428 -19.82 -11.46 -21.64
CA GLU B 428 -19.01 -10.78 -20.59
C GLU B 428 -18.99 -9.28 -20.83
N ASP B 429 -18.72 -8.50 -19.79
CA ASP B 429 -18.60 -7.02 -19.84
C ASP B 429 -17.15 -6.66 -20.19
N TRP B 430 -16.88 -6.32 -21.45
CA TRP B 430 -15.50 -6.00 -21.91
C TRP B 430 -15.09 -4.55 -21.60
N ASP B 431 -15.90 -3.82 -20.82
N ASP B 431 -15.94 -3.82 -20.84
CA ASP B 431 -15.57 -2.44 -20.39
CA ASP B 431 -15.66 -2.47 -20.27
C ASP B 431 -14.61 -2.49 -19.18
C ASP B 431 -14.42 -2.51 -19.37
N LYS B 432 -14.14 -3.68 -18.78
CA LYS B 432 -13.09 -3.86 -17.74
C LYS B 432 -11.81 -4.46 -18.35
N ALA B 433 -11.63 -4.31 -19.67
CA ALA B 433 -10.51 -4.84 -20.49
C ALA B 433 -9.16 -4.29 -20.00
N VAL B 434 -8.88 -3.02 -20.33
CA VAL B 434 -7.58 -2.34 -20.04
C VAL B 434 -7.76 -1.46 -18.79
N MET B 435 -9.00 -1.01 -18.52
CA MET B 435 -9.37 -0.24 -17.29
C MET B 435 -10.08 -1.20 -16.33
N TYR B 436 -9.30 -2.01 -15.61
CA TYR B 436 -9.74 -3.18 -14.79
C TYR B 436 -9.80 -2.81 -13.29
N PHE B 437 -9.41 -1.59 -12.91
CA PHE B 437 -9.40 -1.10 -11.50
C PHE B 437 -10.82 -1.11 -10.92
#